data_3EZJ
#
_entry.id   3EZJ
#
_cell.length_a   98.520
_cell.length_b   98.520
_cell.length_c   402.100
_cell.angle_alpha   90.00
_cell.angle_beta   90.00
_cell.angle_gamma   120.00
#
_symmetry.space_group_name_H-M   'P 31 2 1'
#
loop_
_entity.id
_entity.type
_entity.pdbx_description
1 polymer 'General secretion pathway protein GspD'
2 polymer 'NANOBODY NBGSPD_7'
3 non-polymer 'PHOSPHATE ION'
4 non-polymer 'CHLORIDE ION'
5 water water
#
loop_
_entity_poly.entity_id
_entity_poly.type
_entity_poly.pdbx_seq_one_letter_code
_entity_poly.pdbx_strand_id
1 'polypeptide(L)'
;GAMAEEATFTANFKDTDLKSFIETVGANLNKTIIMGPGVQGAVSIRTMTPLNERQYYQLFLNLLEAQGYAVVPMENDVLK
VVKSSAAKVEPLPLVGEGSDNYAGDEMVTKVVPVRNVSVRELAPILRQMIDSAGSGNVVNYDPSNVIMLTGRASVVERLT
EVIQRVDHAGNRTEEVIPLDNASASEIARVLESLTKNSGENQPATLKSQIVADERTNSVIVSGDPATRDKMRRLIRRLDS
E
;
A,C,E,G
2 'polypeptide(L)'
;QVQLQESGGGLVQAGGSLRLSCAASGSIFSINSMDWDRQAPGKQRELVATITSGGSTNYADSVKGRFTISRDNAKNTVYL
QMNSLKPEDTAVYYCNANVKTWAGMTRDYWGQGTQVTVSSHHHHHH
;
B,D,F,H
#
# COMPACT_ATOMS: atom_id res chain seq x y z
N ALA A 7 23.75 7.24 -13.24
CA ALA A 7 22.34 6.94 -13.66
C ALA A 7 21.37 8.04 -13.18
N THR A 8 20.69 8.70 -14.10
CA THR A 8 19.82 9.83 -13.75
C THR A 8 18.41 9.67 -14.32
N PHE A 9 17.46 10.23 -13.59
CA PHE A 9 16.03 10.09 -13.87
C PHE A 9 15.40 11.45 -14.08
N THR A 10 14.26 11.44 -14.77
CA THR A 10 13.48 12.64 -15.06
C THR A 10 12.03 12.42 -14.66
N ALA A 11 11.30 13.49 -14.43
CA ALA A 11 9.86 13.40 -14.21
C ALA A 11 9.16 14.55 -14.91
N ASN A 12 8.31 14.25 -15.89
CA ASN A 12 7.45 15.27 -16.49
C ASN A 12 6.02 14.78 -16.58
N PHE A 13 5.20 15.17 -15.60
CA PHE A 13 3.82 14.73 -15.53
C PHE A 13 2.90 15.93 -15.39
N LYS A 14 1.74 15.84 -16.03
CA LYS A 14 0.74 16.92 -16.05
C LYS A 14 -0.66 16.32 -15.91
N ASP A 15 -1.23 16.45 -14.72
CA ASP A 15 -2.49 15.78 -14.35
C ASP A 15 -2.45 14.30 -14.71
N THR A 16 -1.39 13.62 -14.26
CA THR A 16 -1.25 12.19 -14.47
C THR A 16 -1.92 11.47 -13.30
N ASP A 17 -2.76 10.48 -13.62
CA ASP A 17 -3.47 9.69 -12.62
C ASP A 17 -2.49 9.09 -11.61
N LEU A 18 -2.75 9.30 -10.32
CA LEU A 18 -1.78 8.93 -9.27
C LEU A 18 -1.29 7.50 -9.39
N LYS A 19 -2.20 6.60 -9.73
CA LYS A 19 -1.87 5.18 -9.92
C LYS A 19 -0.81 5.03 -11.01
N SER A 20 -1.05 5.61 -12.18
CA SER A 20 -0.09 5.56 -13.28
C SER A 20 1.28 6.08 -12.87
N PHE A 21 1.30 7.18 -12.11
CA PHE A 21 2.55 7.73 -11.65
C PHE A 21 3.31 6.68 -10.82
N ILE A 22 2.61 6.07 -9.86
CA ILE A 22 3.24 5.11 -8.93
C ILE A 22 3.77 3.89 -9.67
N GLU A 23 2.99 3.39 -10.61
CA GLU A 23 3.42 2.27 -11.44
C GLU A 23 4.68 2.64 -12.25
N THR A 24 4.69 3.85 -12.81
CA THR A 24 5.81 4.31 -13.63
C THR A 24 7.09 4.37 -12.81
N VAL A 25 7.00 5.01 -11.65
CA VAL A 25 8.14 5.16 -10.74
C VAL A 25 8.64 3.81 -10.20
N GLY A 26 7.74 2.88 -9.91
CA GLY A 26 8.12 1.56 -9.40
C GLY A 26 8.92 0.73 -10.41
N ALA A 27 8.47 0.75 -11.67
CA ALA A 27 9.18 0.09 -12.76
C ALA A 27 10.55 0.74 -12.98
N ASN A 28 10.62 2.06 -12.87
CA ASN A 28 11.91 2.76 -12.97
C ASN A 28 12.86 2.42 -11.84
N LEU A 29 12.31 2.20 -10.64
CA LEU A 29 13.11 1.91 -9.44
C LEU A 29 13.31 0.42 -9.16
N ASN A 30 12.69 -0.44 -9.97
CA ASN A 30 12.72 -1.91 -9.78
C ASN A 30 12.13 -2.36 -8.45
N LYS A 31 11.03 -1.71 -8.08
CA LYS A 31 10.28 -2.03 -6.89
C LYS A 31 8.91 -2.56 -7.31
N THR A 32 8.40 -3.54 -6.58
CA THR A 32 7.02 -3.95 -6.73
C THR A 32 6.19 -2.95 -5.96
N ILE A 33 5.03 -2.59 -6.49
CA ILE A 33 4.13 -1.66 -5.84
C ILE A 33 2.82 -2.36 -5.51
N ILE A 34 2.39 -2.25 -4.26
CA ILE A 34 1.08 -2.70 -3.81
C ILE A 34 0.26 -1.50 -3.34
N MET A 35 -0.99 -1.36 -3.83
CA MET A 35 -1.87 -0.27 -3.38
C MET A 35 -3.10 -0.84 -2.63
N VAL A 39 -6.60 4.70 -2.87
CA VAL A 39 -5.60 5.46 -3.62
C VAL A 39 -6.17 6.11 -4.89
N GLN A 40 -6.29 7.43 -4.85
CA GLN A 40 -6.89 8.22 -5.93
C GLN A 40 -6.28 9.62 -5.92
N GLY A 41 -6.21 10.24 -7.10
CA GLY A 41 -5.67 11.59 -7.21
C GLY A 41 -4.96 11.84 -8.53
N ALA A 42 -4.45 13.05 -8.68
CA ALA A 42 -3.67 13.45 -9.84
C ALA A 42 -2.30 13.89 -9.36
N VAL A 43 -1.38 14.03 -10.31
CA VAL A 43 -0.01 14.42 -10.00
C VAL A 43 0.59 15.21 -11.17
N SER A 44 1.20 16.33 -10.83
CA SER A 44 1.97 17.12 -11.78
C SER A 44 3.32 17.38 -11.17
N ILE A 45 4.36 17.25 -11.98
CA ILE A 45 5.71 17.58 -11.53
C ILE A 45 6.64 17.63 -12.74
N ARG A 46 7.49 18.64 -12.77
CA ARG A 46 8.54 18.77 -13.78
C ARG A 46 9.91 18.82 -13.10
N THR A 47 10.82 17.93 -13.47
CA THR A 47 12.16 17.95 -12.95
C THR A 47 13.00 19.01 -13.67
N MET A 48 13.41 20.03 -12.91
CA MET A 48 14.24 21.11 -13.43
C MET A 48 15.69 20.68 -13.62
N THR A 49 16.15 19.73 -12.82
CA THR A 49 17.46 19.14 -12.99
C THR A 49 17.29 17.62 -13.03
N PRO A 50 18.24 16.90 -13.64
CA PRO A 50 18.21 15.44 -13.56
C PRO A 50 18.45 14.96 -12.13
N LEU A 51 17.76 13.91 -11.72
CA LEU A 51 17.83 13.40 -10.35
C LEU A 51 18.53 12.06 -10.37
N ASN A 52 19.29 11.74 -9.32
CA ASN A 52 19.80 10.38 -9.16
C ASN A 52 18.73 9.52 -8.44
N GLU A 53 18.99 8.23 -8.27
CA GLU A 53 17.97 7.32 -7.77
C GLU A 53 17.44 7.66 -6.38
N ARG A 54 18.33 8.10 -5.50
CA ARG A 54 17.93 8.53 -4.17
C ARG A 54 16.99 9.72 -4.26
N GLN A 55 17.32 10.68 -5.13
CA GLN A 55 16.52 11.90 -5.30
C GLN A 55 15.18 11.60 -5.97
N TYR A 56 15.20 10.78 -7.01
CA TYR A 56 13.99 10.32 -7.69
C TYR A 56 13.05 9.66 -6.69
N TYR A 57 13.57 8.71 -5.93
CA TYR A 57 12.79 8.00 -4.93
C TYR A 57 12.25 8.99 -3.89
N GLN A 58 13.08 9.94 -3.49
CA GLN A 58 12.65 10.98 -2.55
C GLN A 58 11.53 11.84 -3.12
N LEU A 59 11.56 12.13 -4.41
CA LEU A 59 10.49 12.90 -5.05
C LEU A 59 9.18 12.14 -4.89
N PHE A 60 9.22 10.88 -5.32
CA PHE A 60 8.10 9.96 -5.22
C PHE A 60 7.43 10.00 -3.82
N LEU A 61 8.23 9.90 -2.76
CA LEU A 61 7.70 9.97 -1.40
C LEU A 61 7.04 11.33 -1.14
N ASN A 62 7.68 12.41 -1.62
CA ASN A 62 7.18 13.75 -1.40
C ASN A 62 5.82 13.97 -2.07
N LEU A 63 5.66 13.47 -3.29
CA LEU A 63 4.40 13.65 -3.99
C LEU A 63 3.30 12.77 -3.38
N LEU A 64 3.66 11.58 -2.91
CA LEU A 64 2.70 10.72 -2.22
C LEU A 64 2.24 11.33 -0.90
N GLU A 65 3.17 11.92 -0.16
CA GLU A 65 2.86 12.54 1.13
C GLU A 65 1.88 13.71 0.96
N ALA A 66 2.07 14.49 -0.11
CA ALA A 66 1.22 15.63 -0.41
C ALA A 66 -0.21 15.21 -0.68
N GLN A 67 -0.37 14.07 -1.35
CA GLN A 67 -1.70 13.53 -1.67
C GLN A 67 -2.35 12.76 -0.51
N GLY A 68 -1.61 12.57 0.58
CA GLY A 68 -2.15 11.93 1.79
C GLY A 68 -1.81 10.45 1.90
N TYR A 69 -0.71 10.05 1.26
CA TYR A 69 -0.30 8.65 1.25
C TYR A 69 1.12 8.47 1.77
N ALA A 70 1.44 7.26 2.23
CA ALA A 70 2.76 6.93 2.72
C ALA A 70 3.18 5.54 2.25
N VAL A 71 4.49 5.29 2.28
CA VAL A 71 5.06 4.03 1.80
C VAL A 71 5.52 3.15 2.96
N VAL A 72 5.36 1.84 2.80
CA VAL A 72 5.90 0.88 3.76
C VAL A 72 6.81 -0.10 3.01
N PRO A 73 8.14 -0.01 3.21
CA PRO A 73 9.04 -0.93 2.54
C PRO A 73 9.00 -2.29 3.22
N MET A 74 9.03 -3.34 2.42
CA MET A 74 8.71 -4.68 2.89
C MET A 74 9.58 -5.74 2.22
N GLU A 75 9.39 -6.98 2.66
CA GLU A 75 10.07 -8.15 2.12
C GLU A 75 10.37 -8.07 0.62
N ASN A 76 11.67 -8.06 0.30
CA ASN A 76 12.14 -8.34 -1.06
C ASN A 76 11.81 -7.24 -2.08
N ASP A 77 12.32 -6.04 -1.85
CA ASP A 77 12.13 -4.93 -2.78
C ASP A 77 10.63 -4.70 -3.11
N VAL A 78 9.84 -4.39 -2.08
CA VAL A 78 8.41 -4.18 -2.24
C VAL A 78 8.00 -2.93 -1.48
N LEU A 79 7.11 -2.14 -2.07
CA LEU A 79 6.62 -0.92 -1.44
C LEU A 79 5.10 -0.92 -1.39
N LYS A 80 4.56 -0.98 -0.19
CA LYS A 80 3.11 -0.89 0.01
C LYS A 80 2.70 0.59 0.21
N VAL A 81 1.82 1.08 -0.65
CA VAL A 81 1.27 2.44 -0.53
C VAL A 81 0.03 2.44 0.37
N VAL A 82 0.00 3.31 1.37
CA VAL A 82 -1.15 3.39 2.30
C VAL A 82 -1.47 4.84 2.66
N LYS A 83 -2.68 5.04 3.20
CA LYS A 83 -3.18 6.35 3.67
C LYS A 83 -2.36 6.85 4.87
N SER A 84 -2.22 8.18 4.98
CA SER A 84 -1.34 8.79 5.97
C SER A 84 -2.12 9.51 7.07
N GLY A 104 4.44 30.09 -11.83
CA GLY A 104 4.69 30.34 -10.41
C GLY A 104 4.12 29.27 -9.48
N ASP A 105 2.96 28.73 -9.86
CA ASP A 105 2.29 27.63 -9.16
C ASP A 105 2.75 26.27 -9.67
N GLU A 106 3.55 26.25 -10.74
CA GLU A 106 3.96 25.00 -11.35
C GLU A 106 4.71 24.17 -10.35
N MET A 107 4.29 22.92 -10.18
CA MET A 107 5.00 21.99 -9.31
C MET A 107 6.28 21.56 -9.98
N VAL A 108 7.39 21.83 -9.32
CA VAL A 108 8.71 21.53 -9.85
C VAL A 108 9.61 20.90 -8.79
N THR A 109 10.63 20.19 -9.22
CA THR A 109 11.70 19.78 -8.33
C THR A 109 13.06 20.21 -8.89
N LYS A 110 14.00 20.39 -7.98
CA LYS A 110 15.32 20.90 -8.32
C LYS A 110 16.31 20.41 -7.27
N VAL A 111 17.54 20.09 -7.70
CA VAL A 111 18.59 19.72 -6.79
C VAL A 111 19.71 20.76 -6.86
N VAL A 112 19.92 21.46 -5.74
CA VAL A 112 20.91 22.54 -5.64
C VAL A 112 22.16 22.01 -4.93
N PRO A 113 23.26 21.86 -5.67
CA PRO A 113 24.50 21.51 -4.99
C PRO A 113 24.98 22.69 -4.16
N VAL A 114 25.68 22.41 -3.06
CA VAL A 114 26.23 23.43 -2.17
C VAL A 114 27.72 23.14 -2.00
N ARG A 115 28.52 24.16 -2.27
CA ARG A 115 29.93 23.96 -2.49
C ARG A 115 30.84 24.38 -1.33
N ASN A 116 30.46 25.38 -0.56
CA ASN A 116 31.36 26.00 0.44
C ASN A 116 30.90 25.89 1.90
N VAL A 117 29.72 25.34 2.12
CA VAL A 117 29.06 25.44 3.42
C VAL A 117 28.27 24.18 3.71
N SER A 118 28.15 23.83 4.98
CA SER A 118 27.41 22.64 5.40
C SER A 118 25.90 22.87 5.21
N VAL A 119 25.18 21.92 4.62
CA VAL A 119 23.76 22.16 4.30
C VAL A 119 22.84 22.38 5.50
N ARG A 120 23.13 21.72 6.62
CA ARG A 120 22.30 21.88 7.82
C ARG A 120 22.47 23.25 8.50
N GLU A 121 23.49 24.01 8.10
CA GLU A 121 23.61 25.40 8.55
C GLU A 121 22.49 26.28 7.97
N LEU A 122 22.02 25.94 6.77
CA LEU A 122 20.92 26.66 6.15
C LEU A 122 19.56 26.27 6.73
N ALA A 123 19.48 25.12 7.38
CA ALA A 123 18.19 24.55 7.76
C ALA A 123 17.25 25.53 8.48
N PRO A 124 17.72 26.15 9.57
CA PRO A 124 16.84 27.11 10.25
C PRO A 124 16.25 28.18 9.32
N ILE A 125 17.03 28.81 8.45
CA ILE A 125 16.44 29.83 7.58
C ILE A 125 15.61 29.26 6.43
N LEU A 126 15.95 28.08 5.92
CA LEU A 126 15.08 27.44 4.95
C LEU A 126 13.73 27.08 5.56
N ARG A 127 13.73 26.70 6.84
CA ARG A 127 12.50 26.46 7.57
C ARG A 127 11.67 27.74 7.73
N GLN A 128 12.34 28.85 8.04
CA GLN A 128 11.67 30.16 8.14
C GLN A 128 11.00 30.51 6.82
N MET A 129 11.73 30.30 5.73
CA MET A 129 11.25 30.57 4.40
C MET A 129 9.96 29.80 4.10
N ILE A 130 9.90 28.54 4.50
CA ILE A 130 8.74 27.72 4.20
C ILE A 130 7.51 28.08 5.02
N ASP A 131 7.70 28.68 6.19
CA ASP A 131 6.56 29.09 7.03
C ASP A 131 5.81 30.30 6.47
N SER A 132 6.44 31.03 5.56
CA SER A 132 5.76 32.06 4.78
C SER A 132 5.15 31.44 3.51
N ALA A 133 5.83 30.44 2.96
CA ALA A 133 5.44 29.85 1.66
C ALA A 133 4.01 29.33 1.53
N GLY A 134 3.48 28.74 2.59
CA GLY A 134 2.25 27.95 2.46
C GLY A 134 2.62 26.49 2.25
N SER A 135 1.63 25.67 1.94
CA SER A 135 1.78 24.21 2.01
C SER A 135 2.32 23.55 0.74
N GLY A 136 2.70 22.29 0.87
CA GLY A 136 3.14 21.50 -0.27
C GLY A 136 4.56 21.71 -0.74
N ASN A 137 5.37 22.45 0.02
CA ASN A 137 6.78 22.64 -0.31
C ASN A 137 7.68 21.90 0.68
N VAL A 138 8.73 21.27 0.16
CA VAL A 138 9.58 20.41 0.97
C VAL A 138 11.04 20.58 0.59
N VAL A 139 11.87 20.80 1.61
CA VAL A 139 13.32 20.83 1.46
C VAL A 139 13.86 19.51 2.00
N ASN A 140 14.67 18.82 1.17
CA ASN A 140 15.34 17.59 1.58
C ASN A 140 16.84 17.77 1.51
N TYR A 141 17.54 17.22 2.49
CA TYR A 141 18.99 17.33 2.61
C TYR A 141 19.64 15.97 2.34
N ASP A 142 20.68 15.98 1.50
CA ASP A 142 21.39 14.78 1.12
C ASP A 142 22.71 14.78 1.86
N PRO A 143 23.14 13.61 2.37
CA PRO A 143 24.47 13.56 3.01
C PRO A 143 25.66 13.87 2.08
N SER A 144 25.46 13.80 0.76
CA SER A 144 26.48 14.25 -0.20
C SER A 144 26.58 15.79 -0.29
N ASN A 145 25.79 16.48 0.54
CA ASN A 145 25.79 17.94 0.66
C ASN A 145 25.20 18.65 -0.54
N VAL A 146 24.00 18.19 -0.92
CA VAL A 146 23.16 18.92 -1.84
C VAL A 146 21.76 18.98 -1.22
N ILE A 147 21.07 20.10 -1.42
CA ILE A 147 19.69 20.27 -1.03
C ILE A 147 18.80 19.99 -2.24
N MET A 148 17.72 19.24 -2.01
CA MET A 148 16.69 19.06 -3.03
C MET A 148 15.45 19.83 -2.60
N LEU A 149 14.85 20.54 -3.56
CA LEU A 149 13.65 21.34 -3.34
C LEU A 149 12.50 20.78 -4.17
N THR A 150 11.37 20.53 -3.53
CA THR A 150 10.15 20.15 -4.21
C THR A 150 9.05 21.13 -3.83
N GLY A 151 8.44 21.76 -4.83
CA GLY A 151 7.27 22.59 -4.58
C GLY A 151 6.98 23.50 -5.75
N ARG A 152 6.25 24.57 -5.46
CA ARG A 152 5.85 25.54 -6.48
C ARG A 152 7.08 26.33 -6.95
N ALA A 153 7.12 26.62 -8.25
CA ALA A 153 8.29 27.29 -8.84
C ALA A 153 8.68 28.56 -8.09
N SER A 154 7.69 29.37 -7.70
CA SER A 154 7.96 30.59 -6.95
C SER A 154 8.65 30.31 -5.61
N VAL A 155 8.13 29.36 -4.85
CA VAL A 155 8.75 29.01 -3.57
C VAL A 155 10.15 28.46 -3.80
N VAL A 156 10.31 27.64 -4.84
CA VAL A 156 11.59 27.00 -5.17
C VAL A 156 12.61 28.04 -5.61
N GLU A 157 12.16 29.04 -6.37
CA GLU A 157 13.03 30.13 -6.77
C GLU A 157 13.60 30.84 -5.54
N ARG A 158 12.73 31.16 -4.59
CA ARG A 158 13.16 31.87 -3.39
C ARG A 158 14.15 31.06 -2.59
N LEU A 159 13.87 29.79 -2.39
CA LEU A 159 14.77 28.92 -1.65
C LEU A 159 16.13 28.80 -2.35
N THR A 160 16.15 28.88 -3.69
CA THR A 160 17.40 28.74 -4.42
C THR A 160 18.23 30.01 -4.22
N GLU A 161 17.58 31.16 -4.40
CA GLU A 161 18.19 32.47 -4.17
C GLU A 161 18.98 32.49 -2.84
N VAL A 162 18.37 31.94 -1.79
CA VAL A 162 18.92 32.01 -0.45
C VAL A 162 20.08 31.04 -0.25
N ILE A 163 19.89 29.81 -0.66
CA ILE A 163 20.96 28.81 -0.63
C ILE A 163 22.20 29.35 -1.33
N GLN A 164 22.04 29.75 -2.58
CA GLN A 164 23.15 30.26 -3.39
C GLN A 164 23.84 31.47 -2.77
N ARG A 165 23.06 32.36 -2.16
CA ARG A 165 23.59 33.56 -1.54
C ARG A 165 24.47 33.18 -0.35
N VAL A 166 23.98 32.31 0.53
CA VAL A 166 24.77 31.88 1.69
C VAL A 166 26.00 31.10 1.23
N ASP A 167 25.83 30.30 0.19
CA ASP A 167 26.95 29.50 -0.32
C ASP A 167 28.05 30.42 -0.79
N HIS A 168 27.71 31.33 -1.69
CA HIS A 168 28.68 32.27 -2.24
C HIS A 168 29.34 33.11 -1.12
N ALA A 169 28.57 33.45 -0.08
CA ALA A 169 29.08 34.26 1.03
C ALA A 169 30.12 33.53 1.88
N GLY A 170 30.11 32.20 1.88
CA GLY A 170 31.09 31.42 2.63
C GLY A 170 32.40 31.17 1.91
N ASN A 171 32.58 31.76 0.72
CA ASN A 171 33.75 31.51 -0.11
C ASN A 171 34.49 32.82 -0.42
N ARG A 172 34.41 33.78 0.49
CA ARG A 172 35.09 35.05 0.30
C ARG A 172 36.60 34.87 0.18
N THR A 173 37.24 35.66 -0.67
CA THR A 173 38.67 35.57 -0.87
C THR A 173 39.36 36.25 0.31
N GLU A 174 40.45 35.65 0.78
CA GLU A 174 41.18 36.13 1.95
C GLU A 174 42.48 36.79 1.52
N GLU A 175 43.03 37.64 2.38
CA GLU A 175 44.22 38.41 2.04
C GLU A 175 44.94 38.87 3.30
N VAL A 176 46.23 38.59 3.40
CA VAL A 176 47.03 39.05 4.52
C VAL A 176 47.62 40.41 4.22
N ILE A 177 47.56 41.30 5.20
CA ILE A 177 48.13 42.64 5.09
C ILE A 177 49.03 42.81 6.31
N PRO A 178 50.35 42.84 6.11
CA PRO A 178 51.27 43.06 7.22
C PRO A 178 51.30 44.52 7.67
N LEU A 179 51.57 44.72 8.96
CA LEU A 179 51.66 46.05 9.53
C LEU A 179 53.09 46.31 10.00
N ASP A 180 53.67 47.43 9.55
CA ASP A 180 55.02 47.85 9.96
C ASP A 180 55.07 48.38 11.40
N ASN A 181 54.02 49.10 11.82
CA ASN A 181 54.05 49.86 13.08
C ASN A 181 52.93 49.49 14.05
N ALA A 182 51.68 49.64 13.60
CA ALA A 182 50.50 49.44 14.45
C ALA A 182 50.40 48.02 14.97
N SER A 183 49.62 47.84 16.04
CA SER A 183 49.35 46.50 16.58
C SER A 183 48.16 45.88 15.86
N ALA A 184 48.32 44.64 15.42
CA ALA A 184 47.32 43.99 14.57
C ALA A 184 45.98 43.78 15.28
N SER A 185 46.04 43.41 16.55
CA SER A 185 44.82 43.18 17.33
C SER A 185 44.05 44.47 17.62
N GLU A 186 44.75 45.61 17.67
CA GLU A 186 44.09 46.93 17.83
C GLU A 186 43.31 47.26 16.56
N ILE A 187 43.97 47.16 15.42
CA ILE A 187 43.34 47.38 14.13
C ILE A 187 42.22 46.36 13.88
N ALA A 188 42.41 45.13 14.36
CA ALA A 188 41.36 44.12 14.33
C ALA A 188 40.12 44.64 15.07
N ARG A 189 40.29 45.05 16.32
CA ARG A 189 39.19 45.60 17.16
C ARG A 189 38.55 46.82 16.52
N VAL A 190 39.35 47.87 16.38
CA VAL A 190 38.90 49.18 15.91
C VAL A 190 38.01 49.13 14.66
N LEU A 191 38.36 48.27 13.71
CA LEU A 191 37.59 48.12 12.47
C LEU A 191 36.46 47.09 12.58
N GLU A 192 36.66 46.05 13.39
CA GLU A 192 35.60 45.07 13.66
C GLU A 192 34.56 45.66 14.61
N SER A 193 34.98 46.63 15.43
CA SER A 193 34.09 47.36 16.33
C SER A 193 33.14 48.29 15.56
N LEU A 194 33.59 48.79 14.40
CA LEU A 194 32.81 49.75 13.60
C LEU A 194 32.49 49.18 12.22
N THR A 195 31.99 47.95 12.18
CA THR A 195 31.69 47.24 10.93
C THR A 195 30.63 46.17 11.13
N GLN A 209 34.73 41.08 7.35
CA GLN A 209 35.53 40.40 8.37
C GLN A 209 36.99 40.84 8.37
N ILE A 210 37.55 40.96 9.57
CA ILE A 210 38.96 41.26 9.79
C ILE A 210 39.41 40.40 10.98
N VAL A 211 40.64 39.90 10.94
CA VAL A 211 41.20 39.12 12.04
C VAL A 211 42.69 39.43 12.18
N ALA A 212 43.19 39.46 13.41
CA ALA A 212 44.60 39.70 13.66
C ALA A 212 45.41 38.40 13.69
N ASP A 213 46.69 38.48 13.33
CA ASP A 213 47.65 37.41 13.57
C ASP A 213 48.76 37.95 14.47
N GLU A 214 48.67 37.66 15.77
CA GLU A 214 49.63 38.15 16.78
C GLU A 214 51.09 37.71 16.51
N ARG A 215 51.24 36.52 15.92
CA ARG A 215 52.54 35.92 15.61
C ARG A 215 53.34 36.78 14.60
N THR A 216 52.74 37.05 13.44
CA THR A 216 53.40 37.81 12.37
C THR A 216 52.99 39.29 12.35
N ASN A 217 52.24 39.71 13.37
CA ASN A 217 51.62 41.04 13.43
C ASN A 217 51.02 41.53 12.09
N SER A 218 50.03 40.79 11.60
CA SER A 218 49.36 41.12 10.36
C SER A 218 47.86 41.06 10.59
N VAL A 219 47.11 41.53 9.60
CA VAL A 219 45.66 41.51 9.63
C VAL A 219 45.20 40.68 8.45
N ILE A 220 44.20 39.83 8.67
CA ILE A 220 43.62 39.03 7.57
C ILE A 220 42.21 39.51 7.27
N VAL A 221 42.09 40.23 6.16
CA VAL A 221 40.83 40.82 5.72
C VAL A 221 40.23 39.94 4.62
N SER A 222 38.90 39.79 4.61
CA SER A 222 38.28 38.93 3.61
C SER A 222 37.01 39.54 3.03
N GLY A 223 36.94 39.58 1.70
CA GLY A 223 35.79 40.13 1.00
C GLY A 223 35.99 40.13 -0.51
N ASP A 224 35.20 40.95 -1.20
CA ASP A 224 35.33 41.12 -2.65
C ASP A 224 36.32 42.25 -2.97
N PRO A 225 36.86 42.28 -4.22
CA PRO A 225 37.77 43.34 -4.67
C PRO A 225 37.44 44.73 -4.14
N ALA A 226 36.15 45.10 -4.19
CA ALA A 226 35.69 46.39 -3.69
C ALA A 226 35.95 46.58 -2.19
N THR A 227 35.50 45.62 -1.38
CA THR A 227 35.58 45.73 0.08
C THR A 227 37.00 45.56 0.62
N ARG A 228 37.85 44.79 -0.07
CA ARG A 228 39.24 44.65 0.35
C ARG A 228 40.07 45.87 -0.02
N ASP A 229 39.89 46.37 -1.25
CA ASP A 229 40.46 47.66 -1.66
C ASP A 229 40.24 48.68 -0.54
N LYS A 230 38.99 48.88 -0.16
CA LYS A 230 38.63 49.83 0.89
C LYS A 230 39.39 49.58 2.18
N MET A 231 39.43 48.32 2.60
CA MET A 231 40.03 47.97 3.88
C MET A 231 41.56 48.02 3.82
N ARG A 232 42.11 47.70 2.65
CA ARG A 232 43.55 47.79 2.44
C ARG A 232 44.00 49.23 2.70
N ARG A 233 43.28 50.18 2.11
CA ARG A 233 43.60 51.60 2.23
C ARG A 233 43.51 52.08 3.67
N LEU A 234 42.40 51.78 4.34
CA LEU A 234 42.20 52.26 5.70
C LEU A 234 43.30 51.76 6.64
N ILE A 235 43.64 50.47 6.52
CA ILE A 235 44.72 49.85 7.29
C ILE A 235 46.06 50.53 7.01
N ARG A 236 46.34 50.80 5.74
CA ARG A 236 47.59 51.43 5.36
C ARG A 236 47.77 52.81 5.99
N ARG A 237 46.67 53.53 6.21
CA ARG A 237 46.72 54.88 6.77
C ARG A 237 47.04 54.86 8.25
N LEU A 238 46.66 53.80 8.95
CA LEU A 238 47.05 53.62 10.34
C LEU A 238 48.42 52.91 10.45
N ASP A 239 49.36 53.30 9.60
CA ASP A 239 50.75 52.81 9.63
C ASP A 239 51.74 53.94 9.26
N ALA B 7 -53.20 -16.27 -12.93
CA ALA B 7 -54.05 -17.47 -12.61
C ALA B 7 -53.37 -18.39 -11.58
N THR B 8 -54.09 -18.74 -10.52
CA THR B 8 -53.56 -19.58 -9.45
C THR B 8 -54.45 -20.82 -9.21
N PHE B 9 -53.80 -21.94 -8.92
CA PHE B 9 -54.47 -23.24 -8.78
C PHE B 9 -54.37 -23.74 -7.36
N THR B 10 -55.14 -24.78 -7.07
CA THR B 10 -55.20 -25.39 -5.75
C THR B 10 -55.41 -26.90 -5.87
N ALA B 11 -55.08 -27.65 -4.82
CA ALA B 11 -55.23 -29.09 -4.86
C ALA B 11 -55.54 -29.64 -3.49
N ASN B 12 -56.77 -30.11 -3.30
CA ASN B 12 -57.14 -30.79 -2.07
C ASN B 12 -57.78 -32.13 -2.38
N PHE B 13 -57.03 -33.21 -2.15
CA PHE B 13 -57.49 -34.56 -2.42
C PHE B 13 -57.17 -35.51 -1.27
N LYS B 14 -58.10 -36.41 -0.99
CA LYS B 14 -57.93 -37.40 0.07
C LYS B 14 -58.35 -38.78 -0.45
N ASP B 15 -57.39 -39.69 -0.53
CA ASP B 15 -57.62 -41.03 -1.09
C ASP B 15 -58.39 -40.99 -2.42
N THR B 16 -58.10 -40.01 -3.26
CA THR B 16 -58.77 -39.88 -4.55
C THR B 16 -58.22 -40.92 -5.52
N ASP B 17 -59.09 -41.48 -6.34
CA ASP B 17 -58.66 -42.39 -7.41
C ASP B 17 -57.69 -41.66 -8.34
N LEU B 18 -56.68 -42.38 -8.83
CA LEU B 18 -55.62 -41.77 -9.63
C LEU B 18 -56.13 -41.28 -10.99
N LYS B 19 -56.90 -42.12 -11.68
CA LYS B 19 -57.49 -41.68 -12.95
C LYS B 19 -58.19 -40.36 -12.73
N SER B 20 -59.05 -40.28 -11.73
CA SER B 20 -59.80 -39.05 -11.46
C SER B 20 -58.87 -37.86 -11.30
N PHE B 21 -57.78 -38.04 -10.55
CA PHE B 21 -56.84 -36.95 -10.29
C PHE B 21 -56.25 -36.44 -11.58
N ILE B 22 -55.77 -37.39 -12.39
CA ILE B 22 -55.23 -37.09 -13.70
C ILE B 22 -56.27 -36.32 -14.52
N GLU B 23 -57.50 -36.81 -14.58
CA GLU B 23 -58.57 -36.12 -15.32
C GLU B 23 -58.67 -34.66 -14.87
N THR B 24 -58.55 -34.44 -13.56
CA THR B 24 -58.70 -33.12 -12.96
C THR B 24 -57.60 -32.15 -13.39
N VAL B 25 -56.35 -32.60 -13.38
CA VAL B 25 -55.22 -31.75 -13.78
C VAL B 25 -55.25 -31.43 -15.28
N GLY B 26 -55.77 -32.35 -16.08
CA GLY B 26 -55.91 -32.11 -17.51
C GLY B 26 -56.89 -30.99 -17.78
N ALA B 27 -58.01 -31.00 -17.08
CA ALA B 27 -59.05 -30.01 -17.27
C ALA B 27 -58.60 -28.62 -16.80
N ASN B 28 -57.79 -28.57 -15.74
CA ASN B 28 -57.32 -27.27 -15.21
C ASN B 28 -56.24 -26.67 -16.08
N LEU B 29 -55.39 -27.53 -16.65
CA LEU B 29 -54.29 -27.07 -17.49
C LEU B 29 -54.66 -26.95 -18.98
N ASN B 30 -55.88 -27.33 -19.35
CA ASN B 30 -56.33 -27.39 -20.75
C ASN B 30 -55.48 -28.35 -21.57
N LYS B 31 -55.28 -29.55 -21.06
CA LYS B 31 -54.48 -30.54 -21.74
C LYS B 31 -55.29 -31.81 -21.93
N THR B 32 -55.02 -32.52 -23.01
CA THR B 32 -55.67 -33.79 -23.24
C THR B 32 -54.79 -34.87 -22.64
N ILE B 33 -55.40 -35.79 -21.88
CA ILE B 33 -54.64 -36.81 -21.18
C ILE B 33 -54.89 -38.17 -21.83
N ILE B 34 -53.83 -38.95 -22.03
CA ILE B 34 -53.96 -40.30 -22.59
C ILE B 34 -53.31 -41.34 -21.69
N MET B 35 -54.03 -42.43 -21.43
CA MET B 35 -53.57 -43.50 -20.54
C MET B 35 -53.64 -44.85 -21.25
N VAL B 39 -53.04 -48.16 -15.38
CA VAL B 39 -52.98 -46.96 -14.55
C VAL B 39 -53.99 -47.02 -13.42
N GLN B 40 -53.51 -47.27 -12.20
CA GLN B 40 -54.36 -47.38 -11.02
C GLN B 40 -53.58 -46.89 -9.79
N GLY B 41 -54.29 -46.33 -8.81
CA GLY B 41 -53.65 -45.87 -7.57
C GLY B 41 -54.50 -44.92 -6.74
N ALA B 42 -53.86 -44.37 -5.70
CA ALA B 42 -54.51 -43.45 -4.77
C ALA B 42 -53.62 -42.21 -4.51
N VAL B 43 -54.22 -41.03 -4.59
CA VAL B 43 -53.52 -39.76 -4.41
C VAL B 43 -54.14 -38.93 -3.29
N SER B 44 -53.28 -38.30 -2.49
CA SER B 44 -53.71 -37.49 -1.34
C SER B 44 -52.78 -36.28 -1.22
N ILE B 45 -53.35 -35.08 -1.28
CA ILE B 45 -52.55 -33.85 -1.31
C ILE B 45 -53.35 -32.64 -0.86
N ARG B 46 -52.70 -31.78 -0.07
CA ARG B 46 -53.25 -30.51 0.35
C ARG B 46 -52.26 -29.40 0.03
N THR B 47 -52.67 -28.49 -0.85
CA THR B 47 -51.85 -27.33 -1.20
C THR B 47 -51.96 -26.29 -0.08
N MET B 48 -50.85 -26.09 0.64
CA MET B 48 -50.82 -25.16 1.78
C MET B 48 -50.90 -23.71 1.33
N THR B 49 -50.23 -23.41 0.22
CA THR B 49 -50.34 -22.10 -0.42
C THR B 49 -50.84 -22.30 -1.85
N PRO B 50 -51.49 -21.27 -2.42
CA PRO B 50 -51.91 -21.37 -3.80
C PRO B 50 -50.72 -21.51 -4.76
N LEU B 51 -50.92 -22.24 -5.84
CA LEU B 51 -49.86 -22.53 -6.81
C LEU B 51 -50.13 -21.82 -8.13
N ASN B 52 -49.07 -21.56 -8.89
CA ASN B 52 -49.25 -21.08 -10.27
C ASN B 52 -49.20 -22.28 -11.22
N GLU B 53 -49.31 -22.01 -12.54
CA GLU B 53 -49.40 -23.07 -13.54
C GLU B 53 -48.20 -24.02 -13.53
N ARG B 54 -47.01 -23.44 -13.61
CA ARG B 54 -45.77 -24.19 -13.54
C ARG B 54 -45.73 -25.10 -12.30
N GLN B 55 -46.04 -24.52 -11.15
CA GLN B 55 -45.99 -25.22 -9.88
C GLN B 55 -47.10 -26.27 -9.77
N TYR B 56 -48.30 -25.95 -10.25
CA TYR B 56 -49.41 -26.91 -10.23
C TYR B 56 -49.03 -28.12 -11.07
N TYR B 57 -48.46 -27.87 -12.24
CA TYR B 57 -48.03 -28.91 -13.14
C TYR B 57 -46.96 -29.78 -12.47
N GLN B 58 -46.00 -29.14 -11.80
CA GLN B 58 -44.93 -29.85 -11.12
C GLN B 58 -45.51 -30.74 -10.02
N LEU B 59 -46.53 -30.25 -9.33
CA LEU B 59 -47.19 -31.05 -8.32
C LEU B 59 -47.66 -32.33 -8.98
N PHE B 60 -48.41 -32.18 -10.07
CA PHE B 60 -48.90 -33.31 -10.87
C PHE B 60 -47.78 -34.27 -11.25
N LEU B 61 -46.65 -33.73 -11.69
CA LEU B 61 -45.52 -34.57 -12.08
C LEU B 61 -45.01 -35.36 -10.89
N ASN B 62 -44.82 -34.67 -9.78
CA ASN B 62 -44.28 -35.25 -8.56
C ASN B 62 -45.16 -36.38 -8.02
N LEU B 63 -46.46 -36.14 -7.94
CA LEU B 63 -47.39 -37.14 -7.46
C LEU B 63 -47.45 -38.36 -8.38
N LEU B 64 -47.46 -38.14 -9.68
CA LEU B 64 -47.42 -39.27 -10.61
C LEU B 64 -46.10 -40.05 -10.47
N GLU B 65 -44.99 -39.35 -10.29
CA GLU B 65 -43.71 -40.02 -10.11
C GLU B 65 -43.75 -40.94 -8.89
N ALA B 66 -44.24 -40.42 -7.77
CA ALA B 66 -44.30 -41.18 -6.52
C ALA B 66 -45.12 -42.46 -6.65
N GLN B 67 -46.08 -42.48 -7.57
CA GLN B 67 -46.91 -43.65 -7.81
C GLN B 67 -46.38 -44.54 -8.95
N GLY B 68 -45.17 -44.26 -9.44
CA GLY B 68 -44.52 -45.09 -10.45
C GLY B 68 -44.92 -44.80 -11.88
N TYR B 69 -45.33 -43.57 -12.16
CA TYR B 69 -45.81 -43.18 -13.49
C TYR B 69 -45.09 -41.93 -14.03
N ALA B 70 -44.96 -41.88 -15.35
CA ALA B 70 -44.29 -40.78 -16.03
C ALA B 70 -45.23 -40.11 -17.00
N VAL B 71 -44.88 -38.88 -17.37
CA VAL B 71 -45.63 -38.09 -18.33
C VAL B 71 -44.78 -37.84 -19.57
N VAL B 72 -45.36 -38.04 -20.73
CA VAL B 72 -44.68 -37.77 -22.01
C VAL B 72 -45.47 -36.70 -22.74
N PRO B 73 -44.93 -35.46 -22.81
CA PRO B 73 -45.60 -34.41 -23.58
C PRO B 73 -45.50 -34.64 -25.08
N MET B 74 -46.63 -34.51 -25.78
CA MET B 74 -46.70 -34.84 -27.19
C MET B 74 -47.49 -33.80 -27.98
N GLU B 75 -47.43 -33.97 -29.30
CA GLU B 75 -48.23 -33.22 -30.26
C GLU B 75 -49.63 -32.87 -29.76
N ASN B 76 -50.08 -31.65 -30.06
CA ASN B 76 -51.50 -31.27 -29.91
C ASN B 76 -52.01 -31.25 -28.46
N ASP B 77 -51.20 -30.68 -27.56
CA ASP B 77 -51.54 -30.55 -26.13
C ASP B 77 -51.86 -31.88 -25.46
N VAL B 78 -51.11 -32.92 -25.82
CA VAL B 78 -51.33 -34.24 -25.25
C VAL B 78 -50.27 -34.54 -24.21
N LEU B 79 -50.72 -35.00 -23.04
CA LEU B 79 -49.85 -35.51 -22.01
C LEU B 79 -50.17 -36.99 -21.84
N LYS B 80 -49.26 -37.85 -22.30
CA LYS B 80 -49.42 -39.29 -22.17
C LYS B 80 -48.79 -39.80 -20.87
N VAL B 81 -49.57 -40.50 -20.07
CA VAL B 81 -49.04 -41.16 -18.89
C VAL B 81 -48.60 -42.57 -19.28
N VAL B 82 -47.55 -43.08 -18.62
CA VAL B 82 -47.08 -44.45 -18.85
C VAL B 82 -46.59 -45.12 -17.55
N ALA B 103 -51.05 -36.01 11.51
CA ALA B 103 -50.90 -34.57 11.37
C ALA B 103 -49.66 -34.29 10.55
N GLY B 104 -48.52 -34.72 11.07
CA GLY B 104 -47.22 -34.53 10.42
C GLY B 104 -46.96 -35.48 9.26
N ASP B 105 -47.85 -36.47 9.08
CA ASP B 105 -47.76 -37.41 7.96
C ASP B 105 -48.56 -36.97 6.76
N GLU B 106 -49.34 -35.91 6.89
CA GLU B 106 -50.24 -35.44 5.84
C GLU B 106 -49.43 -34.94 4.66
N MET B 107 -49.73 -35.48 3.47
CA MET B 107 -49.05 -35.08 2.25
C MET B 107 -49.45 -33.67 1.88
N VAL B 108 -48.48 -32.77 1.84
CA VAL B 108 -48.73 -31.37 1.59
C VAL B 108 -47.77 -30.82 0.56
N THR B 109 -48.13 -29.68 -0.03
CA THR B 109 -47.25 -28.95 -0.90
C THR B 109 -47.27 -27.47 -0.52
N LYS B 110 -46.15 -26.79 -0.80
CA LYS B 110 -45.95 -25.42 -0.37
C LYS B 110 -44.87 -24.77 -1.22
N VAL B 111 -45.13 -23.54 -1.64
CA VAL B 111 -44.15 -22.73 -2.34
C VAL B 111 -43.57 -21.72 -1.35
N VAL B 112 -42.26 -21.78 -1.12
CA VAL B 112 -41.59 -20.87 -0.20
C VAL B 112 -40.75 -19.92 -1.01
N PRO B 113 -41.14 -18.65 -1.06
CA PRO B 113 -40.32 -17.69 -1.80
C PRO B 113 -39.03 -17.39 -1.04
N VAL B 114 -37.99 -16.98 -1.77
CA VAL B 114 -36.70 -16.63 -1.19
C VAL B 114 -36.27 -15.26 -1.71
N ARG B 115 -35.84 -14.40 -0.79
CA ARG B 115 -35.75 -12.96 -1.05
C ARG B 115 -34.31 -12.38 -1.03
N ASN B 116 -33.37 -13.02 -0.33
CA ASN B 116 -32.01 -12.47 -0.21
C ASN B 116 -30.86 -13.36 -0.73
N VAL B 117 -31.18 -14.60 -1.06
CA VAL B 117 -30.18 -15.61 -1.37
C VAL B 117 -30.60 -16.37 -2.62
N SER B 118 -29.64 -16.98 -3.31
CA SER B 118 -29.93 -17.79 -4.48
C SER B 118 -30.42 -19.17 -4.04
N VAL B 119 -31.58 -19.61 -4.51
CA VAL B 119 -32.15 -20.88 -4.04
C VAL B 119 -31.21 -22.08 -4.20
N ARG B 120 -30.33 -22.06 -5.19
CA ARG B 120 -29.42 -23.20 -5.38
C ARG B 120 -28.27 -23.28 -4.36
N GLU B 121 -28.01 -22.20 -3.63
CA GLU B 121 -27.03 -22.25 -2.56
C GLU B 121 -27.53 -23.09 -1.37
N LEU B 122 -28.83 -23.42 -1.36
CA LEU B 122 -29.39 -24.27 -0.30
C LEU B 122 -29.45 -25.76 -0.69
N ALA B 123 -29.28 -26.08 -1.98
CA ALA B 123 -29.53 -27.44 -2.46
C ALA B 123 -28.83 -28.50 -1.60
N PRO B 124 -27.53 -28.32 -1.33
CA PRO B 124 -26.83 -29.28 -0.50
C PRO B 124 -27.45 -29.47 0.90
N ILE B 125 -27.78 -28.41 1.61
CA ILE B 125 -28.34 -28.61 2.95
C ILE B 125 -29.77 -29.13 2.85
N LEU B 126 -30.46 -28.81 1.77
CA LEU B 126 -31.80 -29.37 1.55
C LEU B 126 -31.73 -30.86 1.18
N ARG B 127 -30.66 -31.27 0.48
CA ARG B 127 -30.44 -32.70 0.17
C ARG B 127 -30.08 -33.49 1.41
N GLN B 128 -29.23 -32.90 2.25
CA GLN B 128 -28.89 -33.46 3.56
C GLN B 128 -30.14 -33.65 4.42
N MET B 129 -31.04 -32.67 4.38
CA MET B 129 -32.22 -32.70 5.21
C MET B 129 -33.15 -33.81 4.75
N ILE B 130 -33.21 -34.07 3.46
CA ILE B 130 -34.10 -35.10 2.96
C ILE B 130 -33.58 -36.52 3.25
N ASP B 131 -32.27 -36.66 3.36
CA ASP B 131 -31.68 -37.96 3.62
C ASP B 131 -31.91 -38.40 5.06
N SER B 132 -32.35 -37.48 5.90
CA SER B 132 -32.81 -37.84 7.25
C SER B 132 -34.31 -38.14 7.31
N ALA B 133 -35.04 -37.65 6.31
CA ALA B 133 -36.50 -37.64 6.32
C ALA B 133 -37.16 -38.96 5.94
N GLY B 134 -36.48 -39.80 5.16
CA GLY B 134 -37.15 -40.94 4.55
C GLY B 134 -37.75 -40.51 3.22
N SER B 135 -38.68 -41.31 2.71
CA SER B 135 -39.07 -41.26 1.29
C SER B 135 -40.38 -40.52 1.04
N GLY B 136 -40.58 -40.13 -0.22
CA GLY B 136 -41.78 -39.42 -0.64
C GLY B 136 -41.77 -37.90 -0.45
N ASN B 137 -40.59 -37.34 -0.24
CA ASN B 137 -40.44 -35.88 -0.11
C ASN B 137 -39.63 -35.33 -1.28
N VAL B 138 -40.03 -34.16 -1.77
CA VAL B 138 -39.36 -33.56 -2.92
C VAL B 138 -39.23 -32.06 -2.81
N VAL B 139 -38.02 -31.57 -3.06
CA VAL B 139 -37.76 -30.15 -3.23
C VAL B 139 -37.57 -29.89 -4.72
N ASN B 140 -38.28 -28.90 -5.24
CA ASN B 140 -38.11 -28.43 -6.62
C ASN B 140 -37.66 -26.98 -6.58
N TYR B 141 -36.89 -26.57 -7.58
CA TYR B 141 -36.37 -25.20 -7.65
C TYR B 141 -36.86 -24.54 -8.93
N ASP B 142 -37.26 -23.28 -8.78
CA ASP B 142 -37.91 -22.48 -9.80
C ASP B 142 -36.96 -21.36 -10.22
N PRO B 143 -36.82 -21.12 -11.52
CA PRO B 143 -35.99 -20.03 -12.02
C PRO B 143 -36.31 -18.67 -11.40
N SER B 144 -37.58 -18.44 -11.06
CA SER B 144 -38.01 -17.18 -10.41
C SER B 144 -37.54 -17.03 -8.95
N ASN B 145 -36.79 -18.03 -8.46
CA ASN B 145 -36.15 -18.01 -7.13
C ASN B 145 -37.10 -18.25 -5.95
N VAL B 146 -37.98 -19.23 -6.16
CA VAL B 146 -38.82 -19.77 -5.11
C VAL B 146 -38.58 -21.28 -5.07
N ILE B 147 -38.78 -21.89 -3.90
CA ILE B 147 -38.60 -23.33 -3.72
C ILE B 147 -39.96 -23.95 -3.46
N MET B 148 -40.26 -25.02 -4.17
CA MET B 148 -41.49 -25.75 -3.93
C MET B 148 -41.17 -27.01 -3.11
N LEU B 149 -41.96 -27.28 -2.08
CA LEU B 149 -41.76 -28.43 -1.22
C LEU B 149 -42.97 -29.36 -1.34
N THR B 150 -42.76 -30.62 -1.73
CA THR B 150 -43.85 -31.61 -1.74
C THR B 150 -43.48 -32.77 -0.85
N GLY B 151 -44.27 -33.01 0.20
CA GLY B 151 -43.98 -34.13 1.10
C GLY B 151 -44.83 -34.19 2.34
N ARG B 152 -44.33 -34.85 3.36
CA ARG B 152 -45.08 -35.01 4.60
C ARG B 152 -45.02 -33.72 5.40
N ALA B 153 -46.15 -33.34 5.99
CA ALA B 153 -46.27 -32.08 6.75
C ALA B 153 -45.03 -31.77 7.58
N SER B 154 -44.62 -32.74 8.40
CA SER B 154 -43.49 -32.60 9.32
C SER B 154 -42.17 -32.29 8.62
N VAL B 155 -41.96 -32.85 7.44
CA VAL B 155 -40.72 -32.62 6.69
C VAL B 155 -40.76 -31.26 6.00
N VAL B 156 -41.89 -30.93 5.41
CA VAL B 156 -42.10 -29.62 4.79
C VAL B 156 -41.89 -28.48 5.78
N GLU B 157 -42.38 -28.67 7.00
CA GLU B 157 -42.17 -27.70 8.08
C GLU B 157 -40.69 -27.49 8.37
N ARG B 158 -39.95 -28.60 8.42
CA ARG B 158 -38.52 -28.59 8.71
C ARG B 158 -37.73 -27.90 7.59
N LEU B 159 -38.09 -28.18 6.34
CA LEU B 159 -37.44 -27.56 5.20
C LEU B 159 -37.76 -26.05 5.12
N THR B 160 -38.98 -25.66 5.45
CA THR B 160 -39.32 -24.25 5.50
C THR B 160 -38.47 -23.53 6.55
N GLU B 161 -38.40 -24.08 7.76
CA GLU B 161 -37.58 -23.51 8.86
C GLU B 161 -36.13 -23.24 8.40
N VAL B 162 -35.52 -24.18 7.68
CA VAL B 162 -34.17 -24.02 7.12
C VAL B 162 -34.09 -22.91 6.05
N ILE B 163 -34.97 -22.96 5.05
CA ILE B 163 -34.94 -21.95 3.98
C ILE B 163 -35.04 -20.54 4.58
N GLN B 164 -36.03 -20.34 5.45
CA GLN B 164 -36.26 -19.04 6.06
C GLN B 164 -35.08 -18.58 6.92
N ARG B 165 -34.46 -19.51 7.63
CA ARG B 165 -33.33 -19.18 8.48
C ARG B 165 -32.16 -18.67 7.64
N VAL B 166 -31.77 -19.44 6.62
CA VAL B 166 -30.64 -19.08 5.76
C VAL B 166 -30.93 -17.80 4.95
N ASP B 167 -32.18 -17.61 4.56
CA ASP B 167 -32.60 -16.41 3.83
C ASP B 167 -32.45 -15.15 4.69
N HIS B 168 -32.98 -15.22 5.92
CA HIS B 168 -32.87 -14.13 6.90
C HIS B 168 -31.41 -13.82 7.24
N ALA B 169 -30.58 -14.85 7.32
CA ALA B 169 -29.14 -14.69 7.63
C ALA B 169 -28.37 -13.93 6.55
N GLY B 170 -28.87 -13.93 5.32
CA GLY B 170 -28.23 -13.22 4.21
C GLY B 170 -28.75 -11.82 3.98
N ASN B 171 -29.38 -11.25 4.99
CA ASN B 171 -29.98 -9.91 4.91
C ASN B 171 -29.46 -9.01 6.03
N ARG B 172 -28.39 -9.42 6.69
CA ARG B 172 -27.94 -8.76 7.92
C ARG B 172 -27.64 -7.29 7.66
N THR B 173 -28.26 -6.43 8.48
CA THR B 173 -28.08 -4.99 8.32
C THR B 173 -26.63 -4.64 8.69
N GLU B 174 -26.03 -3.73 7.92
CA GLU B 174 -24.62 -3.37 8.05
C GLU B 174 -24.42 -2.00 8.66
N GLU B 175 -23.21 -1.75 9.16
CA GLU B 175 -22.87 -0.46 9.76
C GLU B 175 -21.40 -0.11 9.59
N VAL B 176 -21.15 1.17 9.35
CA VAL B 176 -19.79 1.70 9.18
C VAL B 176 -19.41 2.44 10.46
N ILE B 177 -18.35 1.95 11.11
CA ILE B 177 -17.80 2.58 12.30
C ILE B 177 -16.49 3.29 11.93
N PRO B 178 -16.47 4.63 11.95
CA PRO B 178 -15.24 5.36 11.65
C PRO B 178 -14.22 5.26 12.78
N LEU B 179 -12.95 5.49 12.48
CA LEU B 179 -11.87 5.44 13.48
C LEU B 179 -11.00 6.70 13.41
N ASP B 180 -10.45 7.10 14.55
CA ASP B 180 -9.60 8.29 14.66
C ASP B 180 -8.13 7.93 14.86
N ASN B 181 -7.85 7.05 15.82
CA ASN B 181 -6.50 6.76 16.25
C ASN B 181 -5.98 5.42 15.75
N ALA B 182 -6.81 4.38 15.85
CA ALA B 182 -6.40 3.02 15.50
C ALA B 182 -6.47 2.78 13.99
N SER B 183 -5.95 1.63 13.58
CA SER B 183 -6.04 1.17 12.20
C SER B 183 -7.22 0.20 12.04
N ALA B 184 -7.98 0.37 10.97
CA ALA B 184 -9.12 -0.50 10.69
C ALA B 184 -8.64 -1.93 10.40
N SER B 185 -7.55 -2.05 9.66
CA SER B 185 -7.02 -3.36 9.25
C SER B 185 -6.47 -4.16 10.43
N GLU B 186 -5.71 -3.49 11.30
CA GLU B 186 -5.17 -4.12 12.50
C GLU B 186 -6.28 -4.62 13.42
N ILE B 187 -7.33 -3.82 13.59
CA ILE B 187 -8.47 -4.13 14.44
C ILE B 187 -9.40 -5.18 13.83
N ALA B 188 -9.72 -5.01 12.55
CA ALA B 188 -10.55 -5.98 11.86
C ALA B 188 -9.93 -7.38 11.91
N ARG B 189 -8.62 -7.47 11.70
CA ARG B 189 -7.91 -8.75 11.77
C ARG B 189 -8.02 -9.40 13.13
N VAL B 190 -7.63 -8.66 14.17
CA VAL B 190 -7.58 -9.18 15.54
C VAL B 190 -8.97 -9.63 16.02
N LEU B 191 -10.00 -8.81 15.77
CA LEU B 191 -11.36 -9.18 16.14
C LEU B 191 -11.86 -10.38 15.33
N GLU B 192 -11.78 -10.27 14.00
CA GLU B 192 -12.30 -11.33 13.12
C GLU B 192 -11.57 -12.65 13.33
N SER B 193 -10.28 -12.59 13.63
CA SER B 193 -9.49 -13.77 14.04
C SER B 193 -10.22 -14.59 15.12
N LEU B 194 -10.71 -13.89 16.13
CA LEU B 194 -11.22 -14.53 17.34
C LEU B 194 -12.75 -14.78 17.35
N THR B 195 -13.37 -14.78 16.16
CA THR B 195 -14.78 -15.12 16.02
C THR B 195 -14.93 -16.63 15.98
N GLN B 209 -19.86 -10.48 11.36
CA GLN B 209 -18.44 -10.38 11.02
C GLN B 209 -17.95 -8.92 10.92
N ILE B 210 -16.64 -8.76 10.76
CA ILE B 210 -15.97 -7.46 10.82
C ILE B 210 -14.99 -7.34 9.66
N VAL B 211 -15.21 -6.38 8.77
CA VAL B 211 -14.31 -6.15 7.65
C VAL B 211 -13.79 -4.73 7.65
N ALA B 212 -12.55 -4.54 7.23
CA ALA B 212 -11.93 -3.22 7.20
C ALA B 212 -12.15 -2.56 5.83
N ASP B 213 -12.56 -1.29 5.85
CA ASP B 213 -12.61 -0.47 4.65
C ASP B 213 -11.38 0.44 4.68
N GLU B 214 -10.34 0.04 3.97
CA GLU B 214 -9.05 0.73 4.03
C GLU B 214 -9.08 2.15 3.47
N ARG B 215 -10.02 2.41 2.57
CA ARG B 215 -10.17 3.73 1.99
C ARG B 215 -10.46 4.76 3.09
N THR B 216 -11.50 4.51 3.89
CA THR B 216 -11.98 5.47 4.89
C THR B 216 -11.51 5.19 6.34
N ASN B 217 -10.61 4.22 6.51
CA ASN B 217 -10.23 3.65 7.84
C ASN B 217 -11.43 3.45 8.78
N SER B 218 -12.46 2.80 8.25
CA SER B 218 -13.64 2.44 9.00
C SER B 218 -13.68 0.92 9.09
N VAL B 219 -14.43 0.42 10.05
CA VAL B 219 -14.71 -1.00 10.15
C VAL B 219 -16.19 -1.18 9.83
N ILE B 220 -16.50 -2.12 8.94
CA ILE B 220 -17.89 -2.44 8.61
C ILE B 220 -18.29 -3.66 9.43
N VAL B 221 -19.40 -3.52 10.17
CA VAL B 221 -19.89 -4.54 11.08
C VAL B 221 -21.30 -4.96 10.66
N SER B 222 -21.54 -6.28 10.68
CA SER B 222 -22.81 -6.86 10.26
C SER B 222 -23.45 -7.64 11.40
N GLY B 223 -24.79 -7.67 11.43
CA GLY B 223 -25.54 -8.44 12.42
C GLY B 223 -26.78 -7.73 12.95
N ASP B 224 -27.40 -8.34 13.96
CA ASP B 224 -28.58 -7.77 14.62
C ASP B 224 -28.19 -6.60 15.53
N PRO B 225 -29.14 -5.69 15.82
CA PRO B 225 -28.87 -4.54 16.70
C PRO B 225 -28.03 -4.87 17.95
N ALA B 226 -28.44 -5.90 18.69
CA ALA B 226 -27.74 -6.31 19.93
C ALA B 226 -26.25 -6.59 19.68
N THR B 227 -25.94 -7.30 18.59
CA THR B 227 -24.55 -7.62 18.25
C THR B 227 -23.80 -6.38 17.75
N ARG B 228 -24.45 -5.55 16.93
CA ARG B 228 -23.83 -4.31 16.46
C ARG B 228 -23.53 -3.35 17.60
N ASP B 229 -24.52 -3.10 18.47
CA ASP B 229 -24.32 -2.27 19.68
C ASP B 229 -23.05 -2.65 20.43
N LYS B 230 -22.94 -3.94 20.77
CA LYS B 230 -21.82 -4.46 21.54
C LYS B 230 -20.49 -4.36 20.78
N MET B 231 -20.55 -4.56 19.48
CA MET B 231 -19.34 -4.44 18.65
C MET B 231 -18.89 -2.99 18.54
N ARG B 232 -19.85 -2.08 18.39
CA ARG B 232 -19.55 -0.66 18.28
C ARG B 232 -18.72 -0.23 19.47
N ARG B 233 -19.24 -0.47 20.66
CA ARG B 233 -18.62 -0.02 21.90
C ARG B 233 -17.22 -0.59 22.02
N LEU B 234 -17.07 -1.88 21.72
CA LEU B 234 -15.78 -2.55 21.80
C LEU B 234 -14.74 -1.86 20.93
N ILE B 235 -15.15 -1.48 19.73
CA ILE B 235 -14.26 -0.81 18.80
C ILE B 235 -13.97 0.63 19.25
N ARG B 236 -14.98 1.33 19.78
CA ARG B 236 -14.76 2.67 20.30
C ARG B 236 -13.70 2.70 21.39
N ARG B 237 -13.77 1.74 22.32
CA ARG B 237 -12.78 1.62 23.39
C ARG B 237 -11.37 1.29 22.87
N LEU B 238 -11.29 0.56 21.75
CA LEU B 238 -10.01 0.26 21.10
C LEU B 238 -9.44 1.43 20.29
N ASP B 239 -10.17 2.55 20.21
CA ASP B 239 -9.82 3.67 19.34
C ASP B 239 -9.15 4.83 20.08
N THR C 8 39.29 20.37 -14.12
CA THR C 8 40.01 19.43 -13.20
C THR C 8 41.52 19.36 -13.48
N PHE C 9 42.28 18.81 -12.53
CA PHE C 9 43.74 18.92 -12.52
C PHE C 9 44.42 17.60 -12.18
N THR C 10 45.71 17.55 -12.49
CA THR C 10 46.50 16.34 -12.36
C THR C 10 47.94 16.68 -11.98
N ALA C 11 48.60 15.78 -11.27
CA ALA C 11 49.97 16.00 -10.77
C ALA C 11 50.76 14.71 -10.80
N ASN C 12 51.96 14.78 -11.39
CA ASN C 12 52.88 13.64 -11.45
C ASN C 12 54.31 14.12 -11.43
N PHE C 13 54.85 14.33 -10.24
CA PHE C 13 56.20 14.85 -10.08
C PHE C 13 57.08 13.78 -9.41
N LYS C 14 58.31 13.62 -9.90
CA LYS C 14 59.25 12.65 -9.38
C LYS C 14 60.61 13.28 -9.15
N ASP C 15 60.93 13.53 -7.87
CA ASP C 15 62.13 14.28 -7.46
C ASP C 15 62.25 15.60 -8.20
N THR C 16 61.16 16.37 -8.24
CA THR C 16 61.14 17.66 -8.91
C THR C 16 61.60 18.74 -7.95
N ASP C 17 62.46 19.62 -8.45
CA ASP C 17 62.98 20.73 -7.66
C ASP C 17 61.81 21.61 -7.20
N LEU C 18 61.88 22.07 -5.95
CA LEU C 18 60.75 22.77 -5.33
C LEU C 18 60.34 24.01 -6.11
N LYS C 19 61.33 24.77 -6.59
CA LYS C 19 61.09 25.97 -7.36
C LYS C 19 60.29 25.65 -8.61
N SER C 20 60.70 24.62 -9.34
CA SER C 20 59.96 24.15 -10.52
C SER C 20 58.52 23.84 -10.16
N PHE C 21 58.36 23.03 -9.12
CA PHE C 21 57.04 22.60 -8.69
C PHE C 21 56.16 23.79 -8.44
N ILE C 22 56.69 24.76 -7.68
CA ILE C 22 55.94 25.94 -7.32
C ILE C 22 55.49 26.72 -8.54
N GLU C 23 56.41 26.95 -9.47
CA GLU C 23 56.12 27.69 -10.69
C GLU C 23 55.00 27.01 -11.49
N THR C 24 55.07 25.69 -11.62
CA THR C 24 54.07 24.91 -12.36
C THR C 24 52.66 25.09 -11.80
N VAL C 25 52.53 24.85 -10.50
CA VAL C 25 51.24 25.00 -9.82
C VAL C 25 50.75 26.44 -9.89
N GLY C 26 51.67 27.40 -9.78
CA GLY C 26 51.33 28.80 -9.90
C GLY C 26 50.64 29.13 -11.22
N ALA C 27 51.28 28.77 -12.32
CA ALA C 27 50.73 29.03 -13.66
C ALA C 27 49.36 28.37 -13.80
N ASN C 28 49.27 27.12 -13.36
CA ASN C 28 48.01 26.34 -13.39
C ASN C 28 46.86 27.00 -12.64
N LEU C 29 47.16 27.62 -11.50
CA LEU C 29 46.14 28.25 -10.66
C LEU C 29 45.93 29.71 -11.01
N ASN C 30 46.73 30.23 -11.96
CA ASN C 30 46.78 31.66 -12.28
C ASN C 30 47.11 32.50 -11.05
N LYS C 31 48.23 32.15 -10.41
CA LYS C 31 48.68 32.85 -9.22
C LYS C 31 50.14 33.28 -9.39
N THR C 32 50.43 34.51 -9.01
CA THR C 32 51.81 35.00 -9.03
C THR C 32 52.48 34.59 -7.72
N ILE C 33 53.62 33.92 -7.83
CA ILE C 33 54.35 33.38 -6.69
C ILE C 33 55.63 34.17 -6.37
N ILE C 34 55.90 34.33 -5.08
CA ILE C 34 57.14 34.94 -4.58
C ILE C 34 57.85 33.90 -3.71
N MET C 35 59.17 33.98 -3.61
CA MET C 35 59.97 33.04 -2.82
C MET C 35 61.14 33.71 -2.09
N GLY C 36 61.47 33.21 -0.89
CA GLY C 36 62.66 33.67 -0.16
C GLY C 36 63.94 33.27 -0.85
N VAL C 39 64.49 28.88 -0.26
CA VAL C 39 63.52 27.86 -0.64
C VAL C 39 64.18 26.72 -1.43
N GLN C 40 64.80 25.80 -0.71
CA GLN C 40 65.38 24.60 -1.30
C GLN C 40 64.41 23.45 -1.00
N GLY C 41 64.49 22.37 -1.76
CA GLY C 41 63.70 21.17 -1.49
C GLY C 41 63.40 20.35 -2.74
N ALA C 42 62.98 19.10 -2.53
CA ALA C 42 62.59 18.20 -3.63
C ALA C 42 61.18 17.69 -3.40
N VAL C 43 60.34 17.74 -4.43
CA VAL C 43 58.93 17.31 -4.34
C VAL C 43 58.63 16.04 -5.16
N SER C 44 57.74 15.20 -4.60
CA SER C 44 57.29 13.96 -5.26
C SER C 44 55.83 13.69 -4.89
N ILE C 45 54.99 13.47 -5.90
CA ILE C 45 53.55 13.23 -5.68
C ILE C 45 52.89 12.66 -6.93
N ARG C 46 51.94 11.74 -6.73
CA ARG C 46 51.15 11.23 -7.84
C ARG C 46 49.66 11.35 -7.54
N THR C 47 48.90 11.94 -8.45
CA THR C 47 47.46 12.07 -8.29
C THR C 47 46.75 10.80 -8.77
N MET C 48 46.23 10.03 -7.81
CA MET C 48 45.45 8.84 -8.12
C MET C 48 44.12 9.18 -8.80
N THR C 49 43.51 10.29 -8.41
CA THR C 49 42.25 10.74 -9.03
C THR C 49 42.45 12.16 -9.56
N PRO C 50 41.61 12.59 -10.52
CA PRO C 50 41.68 14.01 -10.92
C PRO C 50 41.21 14.95 -9.81
N LEU C 51 41.81 16.13 -9.72
CA LEU C 51 41.47 17.09 -8.67
C LEU C 51 40.85 18.36 -9.28
N ASN C 52 39.94 18.99 -8.55
CA ASN C 52 39.41 20.29 -8.96
C ASN C 52 40.31 21.38 -8.38
N GLU C 53 40.02 22.63 -8.71
CA GLU C 53 40.94 23.72 -8.38
C GLU C 53 41.22 23.81 -6.88
N ARG C 54 40.16 23.70 -6.07
CA ARG C 54 40.30 23.72 -4.63
C ARG C 54 41.25 22.62 -4.15
N GLN C 55 40.93 21.38 -4.51
CA GLN C 55 41.74 20.21 -4.11
C GLN C 55 43.20 20.30 -4.57
N TYR C 56 43.42 20.71 -5.81
CA TYR C 56 44.76 20.94 -6.34
C TYR C 56 45.51 21.99 -5.51
N TYR C 57 44.87 23.12 -5.24
CA TYR C 57 45.47 24.17 -4.43
C TYR C 57 45.88 23.61 -3.08
N GLN C 58 45.01 22.77 -2.51
CA GLN C 58 45.24 22.18 -1.21
C GLN C 58 46.45 21.25 -1.25
N LEU C 59 46.56 20.46 -2.32
CA LEU C 59 47.69 19.56 -2.53
C LEU C 59 48.99 20.37 -2.52
N PHE C 60 48.96 21.51 -3.18
CA PHE C 60 50.09 22.42 -3.21
C PHE C 60 50.41 22.91 -1.79
N LEU C 61 49.36 23.27 -1.03
CA LEU C 61 49.54 23.75 0.33
C LEU C 61 50.08 22.66 1.24
N ASN C 62 49.61 21.43 1.05
CA ASN C 62 50.07 20.32 1.86
C ASN C 62 51.54 20.00 1.60
N LEU C 63 51.91 19.92 0.33
CA LEU C 63 53.29 19.56 -0.01
C LEU C 63 54.31 20.59 0.49
N LEU C 64 53.97 21.87 0.37
CA LEU C 64 54.80 22.93 0.92
C LEU C 64 54.99 22.77 2.43
N GLU C 65 53.88 22.57 3.15
CA GLU C 65 53.93 22.40 4.61
C GLU C 65 54.87 21.28 5.02
N ALA C 66 54.75 20.14 4.35
CA ALA C 66 55.61 18.99 4.56
C ALA C 66 57.10 19.34 4.45
N GLN C 67 57.43 20.19 3.48
CA GLN C 67 58.81 20.61 3.21
C GLN C 67 59.30 21.74 4.12
N GLY C 68 58.41 22.28 4.94
CA GLY C 68 58.73 23.35 5.89
C GLY C 68 58.30 24.76 5.47
N TYR C 69 57.37 24.87 4.52
CA TYR C 69 56.99 26.19 3.95
C TYR C 69 55.49 26.50 4.04
N ALA C 70 55.19 27.78 4.25
CA ALA C 70 53.81 28.27 4.35
C ALA C 70 53.50 29.21 3.18
N VAL C 71 52.22 29.35 2.86
CA VAL C 71 51.79 30.33 1.87
C VAL C 71 51.18 31.55 2.56
N VAL C 72 51.43 32.73 1.99
CA VAL C 72 50.83 33.98 2.47
C VAL C 72 50.13 34.65 1.29
N PRO C 73 48.79 34.55 1.23
CA PRO C 73 48.01 35.12 0.12
C PRO C 73 47.87 36.61 0.24
N MET C 74 48.09 37.34 -0.85
CA MET C 74 48.30 38.78 -0.79
C MET C 74 47.58 39.60 -1.87
N GLU C 75 47.83 40.90 -1.87
CA GLU C 75 47.33 41.84 -2.86
C GLU C 75 47.16 41.27 -4.27
N ASN C 76 46.01 41.54 -4.87
CA ASN C 76 45.61 41.04 -6.19
C ASN C 76 46.25 39.71 -6.61
N ASP C 77 45.96 38.70 -5.79
CA ASP C 77 46.19 37.30 -6.13
C ASP C 77 47.67 36.88 -6.29
N VAL C 78 48.50 37.38 -5.39
CA VAL C 78 49.90 36.93 -5.25
C VAL C 78 49.99 36.02 -4.03
N LEU C 79 50.76 34.94 -4.15
CA LEU C 79 51.07 34.07 -3.01
C LEU C 79 52.56 34.15 -2.67
N LYS C 80 52.88 34.34 -1.39
CA LYS C 80 54.26 34.37 -0.92
C LYS C 80 54.55 33.08 -0.15
N VAL C 81 55.65 32.42 -0.52
CA VAL C 81 56.11 31.23 0.19
C VAL C 81 57.20 31.66 1.17
N VAL C 82 57.22 31.10 2.38
CA VAL C 82 58.16 31.56 3.42
C VAL C 82 58.62 30.47 4.42
N ALA C 103 56.83 0.79 -2.77
CA ALA C 103 55.46 0.75 -3.28
C ALA C 103 54.47 1.39 -2.32
N GLY C 104 54.52 0.95 -1.07
CA GLY C 104 53.72 1.57 0.00
C GLY C 104 54.26 2.90 0.48
N ASP C 105 55.47 3.26 0.05
CA ASP C 105 56.12 4.52 0.44
C ASP C 105 55.88 5.68 -0.53
N GLU C 106 55.30 5.37 -1.69
CA GLU C 106 55.05 6.38 -2.72
C GLU C 106 54.07 7.46 -2.25
N MET C 107 54.44 8.72 -2.48
CA MET C 107 53.60 9.85 -2.09
C MET C 107 52.47 10.01 -3.10
N VAL C 108 51.24 9.83 -2.63
CA VAL C 108 50.07 9.89 -3.50
C VAL C 108 49.02 10.81 -2.88
N THR C 109 48.11 11.29 -3.72
CA THR C 109 46.94 12.02 -3.25
C THR C 109 45.70 11.37 -3.88
N LYS C 110 44.62 11.34 -3.12
CA LYS C 110 43.38 10.73 -3.58
C LYS C 110 42.19 11.47 -2.97
N VAL C 111 41.13 11.68 -3.75
CA VAL C 111 39.87 12.21 -3.21
C VAL C 111 38.84 11.09 -3.10
N VAL C 112 38.25 10.95 -1.92
CA VAL C 112 37.23 9.93 -1.67
C VAL C 112 35.88 10.58 -1.44
N PRO C 113 34.93 10.40 -2.39
CA PRO C 113 33.57 10.88 -2.15
C PRO C 113 32.92 10.10 -1.04
N VAL C 114 32.04 10.75 -0.27
CA VAL C 114 31.29 10.06 0.76
C VAL C 114 29.81 10.36 0.57
N ARG C 115 29.01 9.30 0.58
CA ARG C 115 27.67 9.30 0.02
C ARG C 115 26.54 9.26 1.07
N ASN C 116 26.73 8.57 2.20
CA ASN C 116 25.63 8.33 3.14
C ASN C 116 25.86 8.84 4.57
N VAL C 117 26.99 9.49 4.82
CA VAL C 117 27.35 9.92 6.16
C VAL C 117 28.16 11.19 6.08
N SER C 118 28.06 12.04 7.09
CA SER C 118 28.83 13.28 7.12
C SER C 118 30.32 12.99 7.27
N VAL C 119 31.14 13.66 6.46
CA VAL C 119 32.59 13.43 6.49
C VAL C 119 33.22 13.69 7.87
N ARG C 120 32.70 14.65 8.60
CA ARG C 120 33.25 15.02 9.90
C ARG C 120 32.97 14.01 11.00
N GLU C 121 31.96 13.18 10.82
CA GLU C 121 31.70 12.07 11.74
C GLU C 121 32.84 11.04 11.73
N LEU C 122 33.62 11.01 10.65
CA LEU C 122 34.79 10.14 10.55
C LEU C 122 36.08 10.73 11.14
N ALA C 123 36.08 11.99 11.54
CA ALA C 123 37.35 12.67 11.87
C ALA C 123 38.10 11.99 13.02
N PRO C 124 37.40 11.67 14.12
CA PRO C 124 38.05 10.98 15.24
C PRO C 124 38.80 9.70 14.84
N ILE C 125 38.18 8.80 14.11
CA ILE C 125 38.87 7.55 13.80
C ILE C 125 39.95 7.72 12.72
N LEU C 126 39.80 8.71 11.83
CA LEU C 126 40.86 9.04 10.86
C LEU C 126 42.05 9.73 11.55
N ARG C 127 41.80 10.41 12.66
CA ARG C 127 42.89 10.96 13.46
C ARG C 127 43.63 9.85 14.18
N GLN C 128 42.89 8.84 14.64
CA GLN C 128 43.49 7.67 15.27
C GLN C 128 44.41 6.94 14.31
N MET C 129 43.99 6.91 13.05
CA MET C 129 44.67 6.17 11.99
C MET C 129 46.02 6.79 11.63
N ILE C 130 46.04 8.12 11.52
CA ILE C 130 47.28 8.86 11.24
C ILE C 130 48.24 8.84 12.40
N ASP C 131 47.72 8.67 13.62
CA ASP C 131 48.58 8.60 14.80
C ASP C 131 49.40 7.31 14.84
N SER C 132 48.90 6.25 14.21
CA SER C 132 49.64 4.99 14.10
C SER C 132 50.50 4.92 12.83
N ALA C 133 50.39 5.91 11.96
CA ALA C 133 51.03 5.89 10.64
C ALA C 133 52.33 6.69 10.55
N GLY C 134 52.72 7.40 11.60
CA GLY C 134 53.89 8.27 11.50
C GLY C 134 53.58 9.55 10.73
N SER C 135 54.61 10.33 10.45
CA SER C 135 54.43 11.70 9.94
C SER C 135 54.36 11.76 8.42
N GLY C 136 53.94 12.91 7.88
CA GLY C 136 53.90 13.15 6.44
C GLY C 136 52.54 12.95 5.76
N ASN C 137 51.54 12.49 6.52
CA ASN C 137 50.22 12.19 5.98
C ASN C 137 49.16 13.16 6.51
N VAL C 138 48.21 13.53 5.64
CA VAL C 138 47.27 14.60 5.91
C VAL C 138 45.87 14.25 5.41
N VAL C 139 44.86 14.44 6.26
CA VAL C 139 43.46 14.28 5.87
C VAL C 139 42.81 15.65 5.81
N ASN C 140 42.30 16.00 4.63
CA ASN C 140 41.53 17.23 4.44
C ASN C 140 40.08 16.90 4.16
N TYR C 141 39.19 17.76 4.68
CA TYR C 141 37.75 17.61 4.52
C TYR C 141 37.19 18.78 3.74
N ASP C 142 36.36 18.46 2.75
CA ASP C 142 35.74 19.46 1.90
C ASP C 142 34.27 19.66 2.28
N PRO C 143 33.80 20.92 2.31
CA PRO C 143 32.38 21.19 2.53
C PRO C 143 31.38 20.53 1.57
N SER C 144 31.84 20.01 0.43
CA SER C 144 30.99 19.23 -0.49
C SER C 144 30.92 17.75 -0.11
N ASN C 145 31.58 17.40 0.99
CA ASN C 145 31.47 16.08 1.62
C ASN C 145 32.25 15.00 0.90
N VAL C 146 33.45 15.36 0.46
CA VAL C 146 34.45 14.39 0.05
C VAL C 146 35.67 14.62 0.94
N ILE C 147 36.43 13.55 1.16
CA ILE C 147 37.67 13.59 1.94
C ILE C 147 38.84 13.49 0.96
N MET C 148 39.89 14.28 1.16
CA MET C 148 41.08 14.21 0.34
C MET C 148 42.22 13.68 1.18
N LEU C 149 42.94 12.71 0.65
CA LEU C 149 44.05 12.07 1.35
C LEU C 149 45.37 12.32 0.61
N THR C 150 46.34 12.87 1.33
CA THR C 150 47.69 13.05 0.82
C THR C 150 48.65 12.30 1.73
N GLY C 151 49.46 11.42 1.17
CA GLY C 151 50.45 10.75 1.98
C GLY C 151 50.99 9.55 1.25
N ARG C 152 51.54 8.61 2.01
CA ARG C 152 52.12 7.42 1.42
C ARG C 152 51.01 6.44 1.03
N ALA C 153 51.20 5.77 -0.11
CA ALA C 153 50.19 4.87 -0.68
C ALA C 153 49.62 3.86 0.31
N SER C 154 50.49 3.26 1.12
CA SER C 154 50.06 2.34 2.19
C SER C 154 49.10 2.98 3.20
N VAL C 155 49.50 4.13 3.74
CA VAL C 155 48.64 4.87 4.64
C VAL C 155 47.34 5.27 3.94
N VAL C 156 47.45 5.83 2.74
CA VAL C 156 46.29 6.27 1.96
C VAL C 156 45.31 5.13 1.62
N GLU C 157 45.84 3.92 1.42
CA GLU C 157 44.99 2.75 1.24
C GLU C 157 44.22 2.42 2.51
N ARG C 158 44.88 2.50 3.65
CA ARG C 158 44.22 2.22 4.92
C ARG C 158 43.15 3.23 5.25
N LEU C 159 43.39 4.48 4.89
CA LEU C 159 42.41 5.54 5.13
C LEU C 159 41.23 5.39 4.20
N THR C 160 41.50 5.03 2.95
CA THR C 160 40.42 4.73 2.01
C THR C 160 39.51 3.59 2.52
N GLU C 161 40.13 2.48 2.96
CA GLU C 161 39.40 1.29 3.47
C GLU C 161 38.41 1.66 4.56
N VAL C 162 38.88 2.42 5.54
CA VAL C 162 38.07 2.80 6.68
C VAL C 162 36.90 3.66 6.24
N ILE C 163 37.18 4.72 5.48
CA ILE C 163 36.12 5.61 4.98
C ILE C 163 35.03 4.82 4.24
N GLN C 164 35.43 3.98 3.31
CA GLN C 164 34.49 3.25 2.48
C GLN C 164 33.65 2.26 3.30
N ARG C 165 34.24 1.73 4.36
CA ARG C 165 33.56 0.77 5.23
C ARG C 165 32.49 1.47 6.06
N VAL C 166 32.81 2.64 6.62
CA VAL C 166 31.84 3.38 7.40
C VAL C 166 30.74 3.92 6.48
N ASP C 167 31.11 4.39 5.30
CA ASP C 167 30.13 4.96 4.35
C ASP C 167 29.13 3.93 3.88
N HIS C 168 29.59 2.70 3.68
CA HIS C 168 28.72 1.60 3.26
C HIS C 168 27.81 1.15 4.41
N ALA C 169 28.29 1.28 5.65
CA ALA C 169 27.53 0.89 6.85
C ALA C 169 26.33 1.79 7.09
N GLY C 170 26.48 3.09 6.84
CA GLY C 170 25.37 4.05 7.01
C GLY C 170 24.35 4.03 5.87
N ASN C 171 24.27 2.91 5.15
CA ASN C 171 23.40 2.76 4.00
C ASN C 171 22.49 1.53 4.14
N ARG C 172 22.35 1.03 5.36
CA ARG C 172 21.58 -0.19 5.59
C ARG C 172 20.10 0.01 5.27
N THR C 173 19.58 -0.81 4.36
CA THR C 173 18.19 -0.71 3.92
C THR C 173 17.25 -1.22 5.02
N GLU C 174 16.12 -0.55 5.19
CA GLU C 174 15.17 -0.88 6.25
C GLU C 174 13.94 -1.61 5.70
N GLU C 175 13.31 -2.38 6.59
CA GLU C 175 12.17 -3.21 6.24
C GLU C 175 11.17 -3.16 7.36
N VAL C 176 9.89 -3.07 7.02
CA VAL C 176 8.81 -3.17 8.01
C VAL C 176 8.21 -4.57 7.96
N ILE C 177 8.04 -5.17 9.14
CA ILE C 177 7.54 -6.54 9.26
C ILE C 177 6.35 -6.58 10.20
N PRO C 178 5.14 -6.74 9.64
CA PRO C 178 3.94 -6.73 10.48
C PRO C 178 3.74 -8.06 11.17
N LEU C 179 3.03 -8.02 12.31
CA LEU C 179 2.84 -9.18 13.16
C LEU C 179 1.37 -9.43 13.36
N ASP C 180 0.91 -10.64 13.04
CA ASP C 180 -0.51 -10.97 13.19
C ASP C 180 -0.88 -11.25 14.65
N ASN C 181 -0.03 -11.98 15.36
CA ASN C 181 -0.36 -12.50 16.67
C ASN C 181 0.39 -11.83 17.83
N ALA C 182 1.72 -11.92 17.83
CA ALA C 182 2.50 -11.38 18.94
C ALA C 182 2.48 -9.85 18.97
N SER C 183 2.94 -9.27 20.07
CA SER C 183 2.99 -7.81 20.22
C SER C 183 4.24 -7.20 19.61
N ALA C 184 4.05 -6.06 18.95
CA ALA C 184 5.14 -5.33 18.31
C ALA C 184 6.15 -4.85 19.35
N SER C 185 5.67 -4.15 20.38
CA SER C 185 6.55 -3.58 21.40
C SER C 185 7.37 -4.68 22.05
N GLU C 186 6.71 -5.78 22.34
CA GLU C 186 7.29 -6.86 23.14
C GLU C 186 8.46 -7.48 22.41
N ILE C 187 8.23 -7.82 21.14
CA ILE C 187 9.27 -8.44 20.31
C ILE C 187 10.49 -7.53 20.16
N ALA C 188 10.25 -6.24 20.01
CA ALA C 188 11.32 -5.26 19.86
C ALA C 188 12.17 -5.18 21.12
N ARG C 189 11.49 -5.04 22.26
CA ARG C 189 12.13 -4.97 23.57
C ARG C 189 12.97 -6.23 23.82
N VAL C 190 12.38 -7.40 23.55
CA VAL C 190 13.02 -8.69 23.79
C VAL C 190 14.26 -8.89 22.91
N LEU C 191 14.13 -8.57 21.62
CA LEU C 191 15.24 -8.67 20.68
C LEU C 191 16.29 -7.59 20.90
N GLU C 192 15.86 -6.36 21.18
CA GLU C 192 16.79 -5.25 21.39
C GLU C 192 17.62 -5.44 22.67
N SER C 193 17.09 -6.21 23.62
CA SER C 193 17.83 -6.57 24.83
C SER C 193 19.05 -7.44 24.52
N LEU C 194 18.97 -8.25 23.47
CA LEU C 194 20.08 -9.11 23.05
C LEU C 194 20.93 -8.51 21.93
N THR C 195 20.45 -7.42 21.33
CA THR C 195 21.21 -6.72 20.30
C THR C 195 21.35 -5.23 20.68
N GLN C 209 19.32 -2.49 14.83
CA GLN C 209 18.26 -1.68 15.42
C GLN C 209 16.87 -2.23 15.12
N ILE C 210 16.07 -2.42 16.18
CA ILE C 210 14.70 -2.91 16.06
C ILE C 210 13.75 -2.04 16.87
N VAL C 211 12.78 -1.45 16.18
CA VAL C 211 11.80 -0.56 16.79
C VAL C 211 10.39 -1.04 16.44
N ALA C 212 9.43 -0.75 17.32
CA ALA C 212 8.03 -1.10 17.09
C ALA C 212 7.16 0.12 16.71
N ASP C 213 5.98 -0.18 16.20
CA ASP C 213 4.94 0.81 15.93
C ASP C 213 3.61 0.14 16.27
N GLU C 214 3.07 0.39 17.46
CA GLU C 214 1.88 -0.32 17.94
C GLU C 214 0.66 -0.08 17.06
N ARG C 215 0.54 1.12 16.50
CA ARG C 215 -0.50 1.46 15.51
C ARG C 215 -0.86 0.26 14.62
N THR C 216 0.15 -0.21 13.88
CA THR C 216 -0.02 -1.27 12.88
C THR C 216 0.54 -2.61 13.37
N ASN C 217 0.99 -2.64 14.62
CA ASN C 217 1.64 -3.82 15.23
C ASN C 217 2.73 -4.40 14.34
N SER C 218 3.74 -3.59 14.09
CA SER C 218 4.79 -3.91 13.13
C SER C 218 6.13 -3.59 13.74
N VAL C 219 7.16 -4.16 13.15
CA VAL C 219 8.53 -3.96 13.61
C VAL C 219 9.36 -3.45 12.43
N ILE C 220 10.22 -2.47 12.70
CA ILE C 220 11.15 -1.95 11.71
C ILE C 220 12.54 -2.53 11.98
N VAL C 221 13.12 -3.16 10.96
CA VAL C 221 14.42 -3.82 11.09
C VAL C 221 15.43 -3.18 10.16
N SER C 222 16.52 -2.65 10.74
CA SER C 222 17.53 -1.87 9.99
C SER C 222 18.82 -2.68 9.78
N GLY C 223 18.94 -3.29 8.60
CA GLY C 223 20.15 -4.06 8.27
C GLY C 223 20.39 -4.34 6.79
N ASP C 224 21.07 -5.45 6.52
CA ASP C 224 21.44 -5.87 5.16
C ASP C 224 20.85 -7.25 4.85
N PRO C 225 20.68 -7.60 3.56
CA PRO C 225 20.01 -8.86 3.15
C PRO C 225 20.40 -10.11 3.94
N ALA C 226 21.67 -10.21 4.34
CA ALA C 226 22.12 -11.29 5.22
C ALA C 226 21.40 -11.20 6.58
N THR C 227 21.48 -10.03 7.19
CA THR C 227 20.95 -9.81 8.53
C THR C 227 19.43 -9.84 8.56
N ARG C 228 18.79 -9.13 7.63
CA ARG C 228 17.33 -9.02 7.62
C ARG C 228 16.63 -10.36 7.40
N ASP C 229 17.17 -11.19 6.52
CA ASP C 229 16.60 -12.52 6.25
C ASP C 229 16.57 -13.38 7.53
N LYS C 230 17.65 -13.34 8.30
CA LYS C 230 17.76 -14.06 9.57
C LYS C 230 16.86 -13.48 10.65
N MET C 231 16.70 -12.16 10.66
CA MET C 231 15.88 -11.50 11.67
C MET C 231 14.39 -11.73 11.40
N ARG C 232 14.06 -11.86 10.13
CA ARG C 232 12.67 -12.04 9.71
C ARG C 232 12.17 -13.37 10.25
N ARG C 233 12.89 -14.44 9.94
CA ARG C 233 12.52 -15.79 10.38
C ARG C 233 12.33 -15.85 11.89
N LEU C 234 13.25 -15.21 12.63
CA LEU C 234 13.13 -15.12 14.07
C LEU C 234 11.82 -14.43 14.48
N ILE C 235 11.42 -13.39 13.76
CA ILE C 235 10.18 -12.70 14.03
C ILE C 235 8.99 -13.60 13.71
N ARG C 236 8.93 -14.11 12.48
CA ARG C 236 7.89 -15.06 12.09
C ARG C 236 7.71 -16.16 13.14
N ARG C 237 8.82 -16.78 13.55
CA ARG C 237 8.79 -17.86 14.55
C ARG C 237 8.20 -17.42 15.89
N LEU C 238 8.45 -16.17 16.28
CA LEU C 238 7.90 -15.63 17.51
C LEU C 238 6.41 -15.33 17.40
N ASP C 239 5.92 -15.33 16.15
CA ASP C 239 4.55 -14.90 15.78
C ASP C 239 3.55 -16.07 15.56
N ALA D 7 -46.08 -3.43 0.41
CA ALA D 7 -45.90 -1.94 0.25
C ALA D 7 -45.17 -1.61 -1.07
N THR D 8 -45.62 -0.56 -1.76
CA THR D 8 -44.91 -0.05 -2.97
C THR D 8 -44.64 1.45 -2.89
N PHE D 9 -43.74 1.92 -3.75
CA PHE D 9 -43.26 3.30 -3.73
C PHE D 9 -43.15 3.85 -5.16
N THR D 10 -43.17 5.17 -5.28
CA THR D 10 -43.19 5.85 -6.57
C THR D 10 -42.28 7.07 -6.52
N ALA D 11 -41.73 7.45 -7.66
CA ALA D 11 -40.93 8.66 -7.75
C ALA D 11 -41.27 9.41 -9.03
N ASN D 12 -41.66 10.67 -8.91
CA ASN D 12 -41.87 11.55 -10.06
C ASN D 12 -41.29 12.92 -9.76
N PHE D 13 -39.98 13.06 -9.96
CA PHE D 13 -39.28 14.32 -9.71
C PHE D 13 -38.76 14.94 -11.02
N LYS D 14 -38.83 16.26 -11.09
CA LYS D 14 -38.34 17.02 -12.23
C LYS D 14 -37.56 18.23 -11.71
N ASP D 15 -36.26 18.26 -11.98
CA ASP D 15 -35.38 19.33 -11.51
C ASP D 15 -35.60 19.67 -10.03
N THR D 16 -35.80 18.64 -9.22
CA THR D 16 -36.02 18.81 -7.80
C THR D 16 -34.67 18.98 -7.11
N ASP D 17 -34.59 19.96 -6.22
CA ASP D 17 -33.39 20.19 -5.43
C ASP D 17 -33.01 18.90 -4.69
N LEU D 18 -31.74 18.52 -4.80
CA LEU D 18 -31.24 17.28 -4.17
C LEU D 18 -31.66 17.19 -2.70
N LYS D 19 -31.32 18.18 -1.89
CA LYS D 19 -31.70 18.19 -0.47
C LYS D 19 -33.14 17.76 -0.25
N SER D 20 -34.07 18.43 -0.96
CA SER D 20 -35.50 18.15 -0.84
C SER D 20 -35.84 16.71 -1.22
N PHE D 21 -35.18 16.21 -2.26
CA PHE D 21 -35.31 14.80 -2.67
C PHE D 21 -34.91 13.87 -1.50
N ILE D 22 -33.71 14.11 -0.97
CA ILE D 22 -33.17 13.31 0.12
C ILE D 22 -34.10 13.33 1.34
N GLU D 23 -34.78 14.45 1.57
CA GLU D 23 -35.76 14.53 2.66
C GLU D 23 -36.97 13.61 2.44
N THR D 24 -37.48 13.55 1.20
CA THR D 24 -38.66 12.74 0.92
C THR D 24 -38.34 11.24 0.95
N VAL D 25 -37.21 10.86 0.35
CA VAL D 25 -36.78 9.45 0.37
C VAL D 25 -36.59 8.97 1.81
N GLY D 26 -35.93 9.78 2.63
CA GLY D 26 -35.73 9.48 4.04
C GLY D 26 -37.01 9.30 4.84
N ALA D 27 -37.91 10.27 4.77
CA ALA D 27 -39.20 10.19 5.46
C ALA D 27 -40.10 9.08 4.88
N ASN D 28 -39.90 8.73 3.61
CA ASN D 28 -40.59 7.59 3.00
C ASN D 28 -40.10 6.26 3.55
N LEU D 29 -38.78 6.16 3.73
CA LEU D 29 -38.14 4.93 4.21
C LEU D 29 -38.10 4.80 5.75
N ASN D 30 -38.46 5.86 6.46
CA ASN D 30 -38.25 5.97 7.90
C ASN D 30 -36.76 5.84 8.26
N LYS D 31 -35.98 6.81 7.79
CA LYS D 31 -34.55 6.87 8.07
C LYS D 31 -34.14 8.31 8.38
N THR D 32 -33.12 8.48 9.22
CA THR D 32 -32.58 9.81 9.50
C THR D 32 -31.47 10.13 8.51
N ILE D 33 -31.51 11.34 7.94
CA ILE D 33 -30.54 11.76 6.93
C ILE D 33 -29.66 12.91 7.41
N ILE D 34 -28.34 12.73 7.29
CA ILE D 34 -27.36 13.76 7.67
C ILE D 34 -26.64 14.28 6.42
N MET D 35 -26.31 15.58 6.43
CA MET D 35 -25.65 16.22 5.29
C MET D 35 -24.64 17.27 5.77
N VAL D 39 -23.64 19.59 0.16
CA VAL D 39 -24.59 18.77 -0.59
C VAL D 39 -25.55 19.64 -1.40
N GLN D 40 -25.27 19.79 -2.69
CA GLN D 40 -26.05 20.64 -3.60
C GLN D 40 -26.32 19.86 -4.89
N GLY D 41 -27.46 20.10 -5.53
CA GLY D 41 -27.75 19.45 -6.80
C GLY D 41 -29.18 19.53 -7.33
N ALA D 42 -29.41 18.83 -8.44
CA ALA D 42 -30.71 18.78 -9.11
C ALA D 42 -31.01 17.36 -9.59
N VAL D 43 -32.18 16.85 -9.21
CA VAL D 43 -32.57 15.46 -9.42
C VAL D 43 -33.84 15.33 -10.26
N SER D 44 -33.79 14.44 -11.25
CA SER D 44 -34.92 14.16 -12.15
C SER D 44 -35.01 12.65 -12.42
N ILE D 45 -36.17 12.07 -12.13
CA ILE D 45 -36.42 10.64 -12.27
C ILE D 45 -37.93 10.39 -12.34
N ARG D 46 -38.33 9.42 -13.17
CA ARG D 46 -39.72 8.92 -13.20
C ARG D 46 -39.72 7.41 -13.00
N THR D 47 -40.59 6.91 -12.13
CA THR D 47 -40.74 5.46 -11.96
C THR D 47 -41.79 4.96 -12.95
N MET D 48 -41.40 3.97 -13.76
CA MET D 48 -42.28 3.39 -14.80
C MET D 48 -43.12 2.25 -14.26
N THR D 49 -42.63 1.61 -13.20
CA THR D 49 -43.35 0.57 -12.50
C THR D 49 -43.34 0.94 -11.02
N PRO D 50 -44.32 0.45 -10.23
CA PRO D 50 -44.18 0.58 -8.78
C PRO D 50 -42.90 -0.09 -8.26
N LEU D 51 -42.45 0.31 -7.08
CA LEU D 51 -41.21 -0.20 -6.48
C LEU D 51 -41.40 -0.62 -5.04
N ASN D 52 -40.75 -1.71 -4.63
CA ASN D 52 -40.77 -2.09 -3.22
C ASN D 52 -39.66 -1.35 -2.46
N GLU D 53 -39.55 -1.56 -1.16
CA GLU D 53 -38.65 -0.75 -0.34
C GLU D 53 -37.18 -0.90 -0.73
N ARG D 54 -36.75 -2.13 -0.98
CA ARG D 54 -35.40 -2.37 -1.42
C ARG D 54 -35.09 -1.64 -2.74
N GLN D 55 -36.03 -1.70 -3.67
CA GLN D 55 -35.83 -1.10 -4.98
C GLN D 55 -35.83 0.42 -4.89
N TYR D 56 -36.77 0.96 -4.11
CA TYR D 56 -36.87 2.38 -3.88
C TYR D 56 -35.62 2.91 -3.18
N TYR D 57 -35.10 2.13 -2.24
CA TYR D 57 -33.83 2.44 -1.58
C TYR D 57 -32.68 2.34 -2.59
N GLN D 58 -32.73 1.34 -3.45
CA GLN D 58 -31.71 1.21 -4.48
C GLN D 58 -31.72 2.44 -5.40
N LEU D 59 -32.91 2.85 -5.84
CA LEU D 59 -33.04 4.02 -6.71
C LEU D 59 -32.33 5.23 -6.08
N PHE D 60 -32.70 5.49 -4.82
CA PHE D 60 -32.10 6.55 -4.04
C PHE D 60 -30.57 6.49 -4.11
N LEU D 61 -30.01 5.33 -3.79
CA LEU D 61 -28.56 5.13 -3.88
C LEU D 61 -28.02 5.46 -5.26
N ASN D 62 -28.70 5.00 -6.30
CA ASN D 62 -28.24 5.18 -7.68
C ASN D 62 -28.20 6.65 -8.08
N LEU D 63 -29.26 7.37 -7.78
CA LEU D 63 -29.36 8.80 -8.13
C LEU D 63 -28.35 9.67 -7.36
N LEU D 64 -28.07 9.32 -6.12
CA LEU D 64 -27.03 9.99 -5.34
C LEU D 64 -25.65 9.67 -5.89
N GLU D 65 -25.46 8.47 -6.43
CA GLU D 65 -24.18 8.09 -7.05
C GLU D 65 -23.93 8.90 -8.30
N ALA D 66 -24.93 8.98 -9.18
CA ALA D 66 -24.85 9.78 -10.42
C ALA D 66 -24.39 11.21 -10.16
N GLN D 67 -24.83 11.80 -9.05
CA GLN D 67 -24.48 13.18 -8.69
C GLN D 67 -23.19 13.30 -7.85
N GLY D 68 -22.48 12.18 -7.65
CA GLY D 68 -21.19 12.18 -6.96
C GLY D 68 -21.29 12.13 -5.45
N TYR D 69 -22.32 11.46 -4.94
CA TYR D 69 -22.52 11.33 -3.51
C TYR D 69 -22.69 9.88 -3.11
N ALA D 70 -22.31 9.57 -1.88
CA ALA D 70 -22.39 8.22 -1.34
C ALA D 70 -23.11 8.25 0.01
N VAL D 71 -23.78 7.16 0.33
CA VAL D 71 -24.47 7.01 1.61
C VAL D 71 -23.57 6.22 2.56
N VAL D 72 -23.63 6.56 3.83
CA VAL D 72 -22.96 5.80 4.88
C VAL D 72 -24.00 5.43 5.93
N PRO D 73 -24.30 4.12 6.08
CA PRO D 73 -25.24 3.68 7.13
C PRO D 73 -24.56 3.58 8.48
N MET D 74 -25.21 4.08 9.53
CA MET D 74 -24.59 4.22 10.85
C MET D 74 -25.55 3.86 12.01
N GLU D 75 -25.14 4.16 13.24
CA GLU D 75 -25.93 3.84 14.45
C GLU D 75 -27.41 4.24 14.37
N ASN D 76 -28.29 3.30 14.70
CA ASN D 76 -29.73 3.56 14.93
C ASN D 76 -30.51 3.93 13.65
N ASP D 77 -30.26 3.18 12.59
CA ASP D 77 -30.87 3.42 11.27
C ASP D 77 -30.69 4.89 10.82
N VAL D 78 -29.45 5.37 10.93
CA VAL D 78 -29.07 6.69 10.43
C VAL D 78 -28.34 6.51 9.12
N LEU D 79 -28.66 7.35 8.13
CA LEU D 79 -27.95 7.41 6.86
C LEU D 79 -27.32 8.80 6.68
N LYS D 80 -26.00 8.83 6.49
CA LYS D 80 -25.28 10.08 6.26
C LYS D 80 -24.86 10.17 4.79
N VAL D 81 -25.27 11.23 4.11
CA VAL D 81 -24.92 11.45 2.72
C VAL D 81 -23.66 12.31 2.62
N VAL D 82 -22.66 11.83 1.88
CA VAL D 82 -21.34 12.47 1.81
C VAL D 82 -20.75 12.45 0.37
N LYS D 83 -19.92 13.45 0.08
CA LYS D 83 -19.28 13.56 -1.25
C LYS D 83 -18.21 12.48 -1.51
N SER D 84 -18.02 12.15 -2.79
CA SER D 84 -16.84 11.40 -3.24
C SER D 84 -15.67 12.37 -3.43
N ALA D 103 -37.26 13.12 -25.22
CA ALA D 103 -38.17 12.07 -24.78
C ALA D 103 -37.40 10.82 -24.38
N GLY D 104 -36.47 10.42 -25.24
CA GLY D 104 -35.58 9.29 -24.97
C GLY D 104 -34.59 9.59 -23.85
N ASP D 105 -34.25 10.86 -23.67
CA ASP D 105 -33.31 11.28 -22.63
C ASP D 105 -33.89 11.35 -21.22
N GLU D 106 -35.21 11.17 -21.08
CA GLU D 106 -35.85 11.25 -19.77
C GLU D 106 -35.34 10.16 -18.84
N MET D 107 -34.83 10.55 -17.69
CA MET D 107 -34.37 9.58 -16.70
C MET D 107 -35.55 8.81 -16.11
N VAL D 108 -35.54 7.50 -16.31
CA VAL D 108 -36.62 6.64 -15.86
C VAL D 108 -36.09 5.47 -15.03
N THR D 109 -37.00 4.74 -14.40
CA THR D 109 -36.60 3.52 -13.70
C THR D 109 -37.68 2.46 -13.91
N LYS D 110 -37.25 1.20 -14.00
CA LYS D 110 -38.14 0.10 -14.33
C LYS D 110 -37.67 -1.18 -13.67
N VAL D 111 -38.60 -1.92 -13.08
CA VAL D 111 -38.33 -3.28 -12.60
C VAL D 111 -38.88 -4.26 -13.63
N VAL D 112 -38.00 -5.12 -14.15
CA VAL D 112 -38.39 -6.16 -15.11
C VAL D 112 -38.27 -7.52 -14.46
N PRO D 113 -39.40 -8.19 -14.21
CA PRO D 113 -39.31 -9.56 -13.72
C PRO D 113 -38.77 -10.53 -14.79
N VAL D 114 -38.13 -11.60 -14.33
CA VAL D 114 -37.61 -12.66 -15.21
C VAL D 114 -38.09 -14.00 -14.66
N ARG D 115 -38.70 -14.80 -15.54
CA ARG D 115 -39.51 -15.92 -15.11
C ARG D 115 -38.88 -17.29 -15.39
N ASN D 116 -38.08 -17.39 -16.46
CA ASN D 116 -37.59 -18.70 -16.98
C ASN D 116 -36.07 -18.89 -16.96
N VAL D 117 -35.34 -17.86 -16.57
CA VAL D 117 -33.88 -17.87 -16.61
C VAL D 117 -33.40 -17.14 -15.36
N SER D 118 -32.18 -17.45 -14.94
CA SER D 118 -31.54 -16.71 -13.85
C SER D 118 -31.05 -15.33 -14.33
N VAL D 119 -31.35 -14.28 -13.58
CA VAL D 119 -30.97 -12.93 -13.99
C VAL D 119 -29.47 -12.74 -14.26
N ARG D 120 -28.61 -13.54 -13.61
CA ARG D 120 -27.16 -13.40 -13.82
C ARG D 120 -26.68 -13.98 -15.14
N GLU D 121 -27.48 -14.85 -15.74
CA GLU D 121 -27.16 -15.36 -17.08
C GLU D 121 -27.15 -14.21 -18.09
N LEU D 122 -27.87 -13.14 -17.77
CA LEU D 122 -27.96 -11.98 -18.64
C LEU D 122 -26.92 -10.90 -18.34
N ALA D 123 -26.17 -11.04 -17.26
CA ALA D 123 -25.27 -9.96 -16.82
C ALA D 123 -24.24 -9.51 -17.86
N PRO D 124 -23.57 -10.47 -18.55
CA PRO D 124 -22.57 -10.13 -19.54
C PRO D 124 -23.09 -9.36 -20.76
N ILE D 125 -24.23 -9.77 -21.32
CA ILE D 125 -24.74 -9.06 -22.49
C ILE D 125 -25.33 -7.72 -22.09
N LEU D 126 -25.83 -7.61 -20.86
CA LEU D 126 -26.30 -6.31 -20.38
C LEU D 126 -25.11 -5.36 -20.14
N ARG D 127 -23.96 -5.89 -19.76
CA ARG D 127 -22.77 -5.08 -19.66
C ARG D 127 -22.32 -4.63 -21.03
N GLN D 128 -22.38 -5.55 -22.00
CA GLN D 128 -22.11 -5.20 -23.39
C GLN D 128 -23.03 -4.06 -23.84
N MET D 129 -24.31 -4.17 -23.51
CA MET D 129 -25.30 -3.23 -24.01
C MET D 129 -25.05 -1.85 -23.42
N ILE D 130 -24.69 -1.80 -22.13
CA ILE D 130 -24.41 -0.52 -21.48
C ILE D 130 -23.12 0.15 -21.97
N ASP D 131 -22.20 -0.64 -22.50
CA ASP D 131 -20.95 -0.11 -23.03
C ASP D 131 -21.13 0.63 -24.35
N SER D 132 -22.23 0.37 -25.05
CA SER D 132 -22.59 1.17 -26.23
C SER D 132 -23.47 2.37 -25.88
N ALA D 133 -24.03 2.37 -24.69
CA ALA D 133 -25.05 3.35 -24.32
C ALA D 133 -24.48 4.69 -23.86
N GLY D 134 -23.21 4.75 -23.51
CA GLY D 134 -22.71 5.93 -22.81
C GLY D 134 -22.95 5.79 -21.31
N SER D 135 -23.09 6.91 -20.62
CA SER D 135 -22.98 6.96 -19.15
C SER D 135 -24.30 7.21 -18.44
N GLY D 136 -24.27 7.09 -17.11
CA GLY D 136 -25.42 7.36 -16.26
C GLY D 136 -26.50 6.29 -16.29
N ASN D 137 -26.13 5.06 -16.65
CA ASN D 137 -27.09 3.95 -16.75
C ASN D 137 -26.65 2.76 -15.90
N VAL D 138 -27.63 2.12 -15.27
CA VAL D 138 -27.38 1.14 -14.22
C VAL D 138 -28.37 -0.01 -14.26
N VAL D 139 -27.82 -1.21 -14.35
CA VAL D 139 -28.59 -2.44 -14.17
C VAL D 139 -28.31 -2.96 -12.77
N ASN D 140 -29.38 -3.20 -12.01
CA ASN D 140 -29.28 -3.82 -10.69
C ASN D 140 -29.97 -5.17 -10.71
N TYR D 141 -29.49 -6.07 -9.87
CA TYR D 141 -30.01 -7.43 -9.78
C TYR D 141 -30.54 -7.73 -8.38
N ASP D 142 -31.76 -8.26 -8.32
CA ASP D 142 -32.39 -8.65 -7.07
C ASP D 142 -32.30 -10.17 -6.93
N PRO D 143 -32.00 -10.67 -5.72
CA PRO D 143 -32.09 -12.10 -5.48
C PRO D 143 -33.44 -12.74 -5.81
N SER D 144 -34.54 -11.97 -5.79
CA SER D 144 -35.86 -12.50 -6.19
C SER D 144 -36.01 -12.66 -7.71
N ASN D 145 -34.91 -12.49 -8.43
CA ASN D 145 -34.83 -12.74 -9.86
C ASN D 145 -35.62 -11.71 -10.67
N VAL D 146 -35.46 -10.46 -10.28
CA VAL D 146 -35.89 -9.33 -11.08
C VAL D 146 -34.67 -8.46 -11.34
N ILE D 147 -34.70 -7.73 -12.45
CA ILE D 147 -33.68 -6.76 -12.82
C ILE D 147 -34.26 -5.35 -12.78
N MET D 148 -33.67 -4.49 -11.94
CA MET D 148 -34.08 -3.08 -11.89
C MET D 148 -33.21 -2.32 -12.87
N LEU D 149 -33.82 -1.41 -13.63
CA LEU D 149 -33.10 -0.62 -14.64
C LEU D 149 -33.26 0.90 -14.39
N THR D 150 -32.16 1.60 -14.20
CA THR D 150 -32.19 3.06 -14.03
C THR D 150 -31.42 3.70 -15.16
N GLY D 151 -32.09 4.55 -15.95
CA GLY D 151 -31.40 5.27 -17.00
C GLY D 151 -32.29 6.13 -17.90
N ARG D 152 -31.80 6.39 -19.11
CA ARG D 152 -32.56 7.16 -20.09
C ARG D 152 -33.61 6.27 -20.77
N ALA D 153 -34.76 6.86 -21.10
CA ALA D 153 -35.89 6.09 -21.64
C ALA D 153 -35.45 5.11 -22.71
N SER D 154 -34.66 5.60 -23.66
CA SER D 154 -34.17 4.80 -24.77
C SER D 154 -33.33 3.61 -24.30
N VAL D 155 -32.44 3.85 -23.35
CA VAL D 155 -31.53 2.82 -22.87
C VAL D 155 -32.30 1.74 -22.12
N VAL D 156 -33.20 2.16 -21.24
CA VAL D 156 -34.03 1.23 -20.50
C VAL D 156 -34.94 0.41 -21.44
N GLU D 157 -35.38 1.02 -22.54
CA GLU D 157 -36.16 0.31 -23.55
C GLU D 157 -35.38 -0.86 -24.16
N ARG D 158 -34.14 -0.60 -24.54
CA ARG D 158 -33.30 -1.58 -25.22
C ARG D 158 -32.93 -2.69 -24.25
N LEU D 159 -32.60 -2.29 -23.04
CA LEU D 159 -32.30 -3.26 -22.00
C LEU D 159 -33.54 -4.11 -21.78
N THR D 160 -34.71 -3.51 -21.72
CA THR D 160 -35.93 -4.30 -21.57
C THR D 160 -36.11 -5.29 -22.72
N GLU D 161 -35.86 -4.85 -23.96
CA GLU D 161 -36.05 -5.70 -25.15
C GLU D 161 -35.21 -6.99 -25.03
N VAL D 162 -33.96 -6.84 -24.63
CA VAL D 162 -33.04 -7.97 -24.56
C VAL D 162 -33.49 -8.98 -23.48
N ILE D 163 -33.79 -8.47 -22.29
CA ILE D 163 -34.15 -9.29 -21.16
C ILE D 163 -35.37 -10.15 -21.47
N GLN D 164 -36.38 -9.55 -22.08
CA GLN D 164 -37.60 -10.28 -22.43
C GLN D 164 -37.32 -11.31 -23.49
N ARG D 165 -36.47 -10.96 -24.45
CA ARG D 165 -36.13 -11.87 -25.55
C ARG D 165 -35.47 -13.13 -25.02
N VAL D 166 -34.42 -12.96 -24.22
CA VAL D 166 -33.72 -14.12 -23.63
C VAL D 166 -34.62 -14.95 -22.70
N ASP D 167 -35.52 -14.27 -21.97
CA ASP D 167 -36.43 -14.94 -21.03
C ASP D 167 -37.46 -15.79 -21.77
N HIS D 168 -38.09 -15.21 -22.78
CA HIS D 168 -39.01 -15.98 -23.60
C HIS D 168 -38.27 -17.12 -24.30
N ALA D 169 -37.02 -16.87 -24.69
CA ALA D 169 -36.21 -17.87 -25.41
C ALA D 169 -35.89 -19.12 -24.60
N GLY D 170 -35.83 -18.98 -23.27
CA GLY D 170 -35.54 -20.10 -22.39
C GLY D 170 -36.80 -20.75 -21.82
N ASN D 171 -37.82 -20.89 -22.66
CA ASN D 171 -39.09 -21.47 -22.25
C ASN D 171 -39.85 -22.02 -23.44
N ARG D 172 -39.14 -22.65 -24.38
CA ARG D 172 -39.79 -23.22 -25.57
C ARG D 172 -40.57 -24.47 -25.19
N THR D 173 -41.68 -24.72 -25.89
CA THR D 173 -42.47 -25.93 -25.60
C THR D 173 -41.69 -27.12 -26.14
N GLU D 174 -41.84 -28.24 -25.45
CA GLU D 174 -41.15 -29.46 -25.82
C GLU D 174 -42.13 -30.56 -26.23
N GLU D 175 -41.63 -31.51 -27.01
CA GLU D 175 -42.44 -32.56 -27.58
C GLU D 175 -41.59 -33.79 -27.76
N VAL D 176 -42.14 -34.95 -27.39
CA VAL D 176 -41.44 -36.22 -27.53
C VAL D 176 -41.98 -36.98 -28.73
N ILE D 177 -41.11 -37.28 -29.69
CA ILE D 177 -41.48 -37.99 -30.91
C ILE D 177 -40.83 -39.38 -30.89
N PRO D 178 -41.64 -40.44 -30.70
CA PRO D 178 -41.08 -41.77 -30.54
C PRO D 178 -40.80 -42.39 -31.89
N LEU D 179 -39.74 -43.20 -31.96
CA LEU D 179 -39.36 -43.85 -33.21
C LEU D 179 -39.61 -45.36 -33.14
N ASP D 180 -40.05 -45.93 -34.25
CA ASP D 180 -40.29 -47.36 -34.37
C ASP D 180 -39.06 -48.07 -34.95
N ASN D 181 -38.46 -47.47 -35.97
CA ASN D 181 -37.35 -48.10 -36.71
C ASN D 181 -35.98 -47.47 -36.43
N ALA D 182 -35.91 -46.15 -36.56
CA ALA D 182 -34.64 -45.44 -36.53
C ALA D 182 -34.02 -45.43 -35.15
N SER D 183 -32.69 -45.31 -35.11
CA SER D 183 -31.94 -45.17 -33.84
C SER D 183 -32.05 -43.72 -33.35
N ALA D 184 -32.69 -43.53 -32.19
CA ALA D 184 -32.99 -42.19 -31.68
C ALA D 184 -31.74 -41.32 -31.57
N SER D 185 -30.64 -41.90 -31.10
CA SER D 185 -29.39 -41.16 -30.93
C SER D 185 -28.77 -40.76 -32.27
N GLU D 186 -28.99 -41.56 -33.31
CA GLU D 186 -28.54 -41.23 -34.67
C GLU D 186 -29.29 -40.01 -35.17
N ILE D 187 -30.62 -40.13 -35.20
CA ILE D 187 -31.47 -39.07 -35.70
C ILE D 187 -31.16 -37.73 -35.03
N ALA D 188 -30.89 -37.74 -33.73
CA ALA D 188 -30.58 -36.52 -32.98
C ALA D 188 -29.21 -35.93 -33.34
N ARG D 189 -28.19 -36.76 -33.51
CA ARG D 189 -26.88 -36.30 -33.99
C ARG D 189 -27.03 -35.62 -35.35
N VAL D 190 -27.59 -36.35 -36.30
CA VAL D 190 -27.71 -35.91 -37.68
C VAL D 190 -28.48 -34.60 -37.81
N LEU D 191 -29.69 -34.53 -37.25
CA LEU D 191 -30.49 -33.31 -37.34
C LEU D 191 -29.94 -32.14 -36.53
N GLU D 192 -29.20 -32.42 -35.46
CA GLU D 192 -28.57 -31.35 -34.66
C GLU D 192 -27.39 -30.69 -35.39
N SER D 193 -26.86 -31.34 -36.42
CA SER D 193 -25.85 -30.71 -37.28
C SER D 193 -26.44 -29.52 -38.03
N LEU D 194 -27.74 -29.58 -38.29
CA LEU D 194 -28.45 -28.48 -38.95
C LEU D 194 -28.62 -27.29 -38.01
N THR D 195 -29.27 -27.53 -36.86
CA THR D 195 -29.54 -26.47 -35.88
C THR D 195 -28.29 -26.14 -35.05
N GLN D 209 -32.86 -27.21 -31.16
CA GLN D 209 -32.46 -28.37 -30.36
C GLN D 209 -33.24 -29.63 -30.71
N ILE D 210 -32.53 -30.75 -30.68
CA ILE D 210 -33.12 -32.08 -30.75
C ILE D 210 -32.25 -32.97 -29.83
N VAL D 211 -32.87 -33.68 -28.89
CA VAL D 211 -32.12 -34.53 -27.98
C VAL D 211 -32.69 -35.93 -27.99
N ALA D 212 -31.84 -36.93 -27.75
CA ALA D 212 -32.23 -38.33 -27.76
C ALA D 212 -32.46 -38.87 -26.34
N ASP D 213 -33.32 -39.87 -26.25
CA ASP D 213 -33.62 -40.55 -25.00
C ASP D 213 -33.66 -42.02 -25.32
N GLU D 214 -32.48 -42.63 -25.37
CA GLU D 214 -32.33 -43.98 -25.88
C GLU D 214 -32.84 -45.10 -24.94
N ARG D 215 -33.42 -44.74 -23.80
CA ARG D 215 -34.14 -45.72 -22.98
C ARG D 215 -35.61 -45.87 -23.43
N THR D 216 -36.03 -44.99 -24.35
CA THR D 216 -37.33 -45.10 -25.01
C THR D 216 -37.16 -45.06 -26.53
N ASN D 217 -35.92 -45.06 -27.00
CA ASN D 217 -35.61 -44.76 -28.40
C ASN D 217 -36.53 -43.66 -28.94
N SER D 218 -36.69 -42.60 -28.16
CA SER D 218 -37.49 -41.44 -28.53
C SER D 218 -36.61 -40.21 -28.68
N VAL D 219 -37.20 -39.13 -29.18
CA VAL D 219 -36.50 -37.88 -29.47
C VAL D 219 -37.34 -36.73 -28.93
N ILE D 220 -36.66 -35.69 -28.44
CA ILE D 220 -37.31 -34.52 -27.86
C ILE D 220 -36.94 -33.27 -28.66
N VAL D 221 -37.95 -32.62 -29.24
CA VAL D 221 -37.74 -31.38 -30.02
C VAL D 221 -38.29 -30.15 -29.28
N SER D 222 -37.69 -29.00 -29.58
CA SER D 222 -38.09 -27.73 -28.96
C SER D 222 -38.41 -26.73 -30.06
N GLY D 223 -39.40 -25.87 -29.82
CA GLY D 223 -39.70 -24.79 -30.75
C GLY D 223 -41.16 -24.37 -30.77
N ASP D 224 -41.46 -23.42 -31.65
CA ASP D 224 -42.83 -22.98 -31.88
C ASP D 224 -43.52 -24.04 -32.72
N PRO D 225 -44.88 -24.04 -32.74
CA PRO D 225 -45.60 -25.02 -33.55
C PRO D 225 -45.00 -25.20 -34.94
N ALA D 226 -44.67 -24.10 -35.62
CA ALA D 226 -44.17 -24.15 -36.99
C ALA D 226 -42.93 -25.02 -37.16
N THR D 227 -41.92 -24.86 -36.28
CA THR D 227 -40.66 -25.59 -36.42
C THR D 227 -40.75 -27.02 -35.87
N ARG D 228 -41.63 -27.24 -34.90
CA ARG D 228 -41.88 -28.59 -34.39
C ARG D 228 -42.67 -29.41 -35.42
N ASP D 229 -43.49 -28.75 -36.22
CA ASP D 229 -44.19 -29.44 -37.30
C ASP D 229 -43.19 -29.91 -38.36
N LYS D 230 -42.23 -29.05 -38.72
CA LYS D 230 -41.25 -29.40 -39.75
C LYS D 230 -40.35 -30.53 -39.27
N MET D 231 -39.91 -30.46 -38.03
CA MET D 231 -39.03 -31.48 -37.48
C MET D 231 -39.73 -32.83 -37.43
N ARG D 232 -40.95 -32.81 -36.92
CA ARG D 232 -41.82 -33.98 -36.84
C ARG D 232 -42.00 -34.69 -38.18
N ARG D 233 -42.28 -33.95 -39.26
CA ARG D 233 -42.39 -34.58 -40.60
C ARG D 233 -41.08 -35.23 -41.00
N LEU D 234 -39.99 -34.53 -40.74
CA LEU D 234 -38.64 -35.00 -41.06
C LEU D 234 -38.34 -36.30 -40.31
N ILE D 235 -38.80 -36.36 -39.06
CA ILE D 235 -38.60 -37.53 -38.22
C ILE D 235 -39.47 -38.70 -38.67
N ARG D 236 -40.75 -38.43 -38.95
CA ARG D 236 -41.64 -39.47 -39.50
C ARG D 236 -41.05 -40.11 -40.75
N ARG D 237 -40.48 -39.29 -41.63
CA ARG D 237 -39.93 -39.77 -42.91
C ARG D 237 -38.66 -40.61 -42.73
N LEU D 238 -37.84 -40.22 -41.77
CA LEU D 238 -36.60 -40.95 -41.48
C LEU D 238 -36.87 -42.26 -40.72
N ASP D 239 -38.11 -42.45 -40.28
CA ASP D 239 -38.48 -43.55 -39.40
C ASP D 239 -39.64 -44.37 -39.99
N GLN E 1 6.12 10.74 8.17
CA GLN E 1 5.37 11.82 8.87
C GLN E 1 5.86 11.94 10.33
N VAL E 2 6.00 13.16 10.85
CA VAL E 2 6.12 13.43 12.30
C VAL E 2 5.41 14.74 12.69
N GLN E 3 4.65 14.70 13.78
CA GLN E 3 3.90 15.87 14.26
C GLN E 3 4.48 16.35 15.59
N LEU E 4 4.61 17.66 15.74
CA LEU E 4 5.20 18.26 16.94
C LEU E 4 4.22 19.22 17.61
N GLN E 5 4.09 19.13 18.93
CA GLN E 5 3.17 19.97 19.70
C GLN E 5 3.88 20.61 20.90
N GLU E 6 4.21 21.89 20.79
CA GLU E 6 4.96 22.61 21.81
C GLU E 6 4.05 23.17 22.91
N SER E 7 4.66 23.52 24.04
CA SER E 7 3.98 24.18 25.15
C SER E 7 5.01 24.77 26.12
N GLY E 8 4.53 25.50 27.12
CA GLY E 8 5.40 26.08 28.15
C GLY E 8 5.74 27.57 28.02
N GLY E 9 5.31 28.20 26.94
CA GLY E 9 5.59 29.63 26.76
C GLY E 9 4.79 30.52 27.71
N GLY E 10 5.18 31.79 27.78
CA GLY E 10 4.52 32.76 28.63
C GLY E 10 5.38 33.98 28.90
N LEU E 11 4.89 34.86 29.77
CA LEU E 11 5.58 36.09 30.11
C LEU E 11 6.34 35.88 31.41
N VAL E 12 7.59 36.33 31.44
CA VAL E 12 8.44 36.18 32.60
C VAL E 12 9.32 37.41 32.76
N GLN E 13 9.79 37.65 33.98
CA GLN E 13 10.75 38.73 34.23
C GLN E 13 12.19 38.29 34.05
N ALA E 14 13.02 39.26 33.65
CA ALA E 14 14.47 39.05 33.57
C ALA E 14 14.96 38.35 34.84
N GLY E 15 15.69 37.25 34.65
CA GLY E 15 16.19 36.42 35.74
C GLY E 15 15.32 35.22 36.04
N GLY E 16 14.12 35.18 35.48
CA GLY E 16 13.19 34.07 35.75
C GLY E 16 13.49 32.86 34.90
N SER E 17 12.63 31.84 35.02
CA SER E 17 12.78 30.63 34.25
C SER E 17 11.46 30.13 33.63
N LEU E 18 11.58 29.35 32.56
CA LEU E 18 10.45 28.65 31.96
C LEU E 18 10.94 27.29 31.49
N ARG E 19 10.00 26.38 31.30
CA ARG E 19 10.30 25.05 30.79
C ARG E 19 9.40 24.74 29.61
N LEU E 20 10.00 24.66 28.43
CA LEU E 20 9.25 24.32 27.24
C LEU E 20 9.24 22.81 27.11
N SER E 21 8.11 22.28 26.63
CA SER E 21 7.95 20.88 26.30
C SER E 21 7.59 20.75 24.84
N CYS E 22 7.79 19.55 24.31
CA CYS E 22 7.40 19.26 22.95
C CYS E 22 7.14 17.76 22.83
N ALA E 23 5.92 17.41 22.46
CA ALA E 23 5.51 16.02 22.31
C ALA E 23 5.50 15.65 20.83
N ALA E 24 6.32 14.66 20.47
CA ALA E 24 6.35 14.16 19.10
C ALA E 24 5.46 12.93 18.96
N SER E 25 5.00 12.71 17.73
CA SER E 25 4.21 11.51 17.40
C SER E 25 4.35 11.21 15.90
N GLY E 26 3.86 10.04 15.48
CA GLY E 26 4.09 9.53 14.13
C GLY E 26 5.28 8.58 14.06
N SER E 27 6.16 8.76 13.07
CA SER E 27 7.31 7.88 12.87
C SER E 27 8.46 8.25 13.81
N ILE E 28 8.30 7.91 15.09
CA ILE E 28 9.33 8.24 16.07
C ILE E 28 10.66 7.61 15.66
N PHE E 29 10.60 6.36 15.17
CA PHE E 29 11.79 5.63 14.74
C PHE E 29 12.66 6.37 13.71
N SER E 30 12.08 7.28 12.95
CA SER E 30 12.84 8.04 11.94
C SER E 30 13.57 9.24 12.52
N ILE E 31 13.17 9.70 13.70
CA ILE E 31 13.77 10.89 14.29
C ILE E 31 15.24 10.65 14.59
N ASN E 32 16.13 11.40 13.96
CA ASN E 32 17.53 11.26 14.30
C ASN E 32 18.14 12.45 15.05
N SER E 33 17.42 13.56 15.12
CA SER E 33 17.77 14.65 16.03
C SER E 33 16.56 15.53 16.26
N MET E 34 16.54 16.22 17.40
CA MET E 34 15.50 17.17 17.70
C MET E 34 16.09 18.43 18.30
N ASP E 35 15.64 19.57 17.77
CA ASP E 35 16.20 20.85 18.21
C ASP E 35 15.14 21.90 18.53
N TRP E 36 15.53 22.86 19.35
CA TRP E 36 14.75 24.07 19.50
C TRP E 36 15.46 25.16 18.72
N ASP E 37 14.69 25.94 17.97
CA ASP E 37 15.18 27.21 17.46
C ASP E 37 14.14 28.28 17.73
N ARG E 38 14.55 29.53 17.59
CA ARG E 38 13.68 30.66 17.87
C ARG E 38 13.68 31.71 16.76
N GLN E 39 12.71 32.61 16.82
CA GLN E 39 12.55 33.64 15.81
C GLN E 39 11.86 34.81 16.44
N ALA E 40 12.48 35.99 16.35
CA ALA E 40 11.83 37.23 16.74
C ALA E 40 11.50 37.97 15.45
N PRO E 41 10.39 38.72 15.42
CA PRO E 41 10.03 39.42 14.18
C PRO E 41 11.16 40.31 13.64
N GLY E 42 11.41 40.21 12.35
CA GLY E 42 12.46 41.01 11.71
C GLY E 42 13.86 40.42 11.77
N LYS E 43 13.99 39.23 12.35
CA LYS E 43 15.30 38.59 12.50
C LYS E 43 15.26 37.19 11.92
N GLN E 44 16.43 36.55 11.91
CA GLN E 44 16.58 35.19 11.39
C GLN E 44 16.13 34.20 12.44
N ARG E 45 15.52 33.12 11.99
CA ARG E 45 15.36 31.95 12.82
C ARG E 45 16.74 31.38 13.07
N GLU E 46 17.04 31.07 14.34
CA GLU E 46 18.34 30.58 14.73
C GLU E 46 18.24 29.39 15.68
N LEU E 47 19.17 28.46 15.54
CA LEU E 47 19.27 27.28 16.40
C LEU E 47 19.59 27.68 17.85
N VAL E 48 18.89 27.06 18.80
CA VAL E 48 19.11 27.31 20.21
C VAL E 48 19.81 26.12 20.87
N ALA E 49 19.23 24.94 20.71
CA ALA E 49 19.77 23.71 21.29
C ALA E 49 19.33 22.47 20.52
N THR E 50 20.05 21.36 20.69
CA THR E 50 19.79 20.12 19.94
C THR E 50 20.10 18.89 20.78
N ILE E 51 19.25 17.86 20.69
CA ILE E 51 19.55 16.56 21.29
C ILE E 51 19.36 15.48 20.24
N THR E 52 20.42 14.74 19.93
CA THR E 52 20.37 13.70 18.92
C THR E 52 19.76 12.41 19.50
N SER E 53 19.42 11.47 18.63
CA SER E 53 18.90 10.17 19.07
C SER E 53 19.91 9.40 19.92
N GLY E 54 21.20 9.70 19.77
CA GLY E 54 22.21 9.19 20.68
C GLY E 54 22.19 9.86 22.05
N GLY E 55 21.62 11.05 22.14
CA GLY E 55 21.55 11.79 23.40
C GLY E 55 22.59 12.91 23.49
N SER E 56 23.40 12.99 22.45
CA SER E 56 24.37 14.06 22.30
C SER E 56 23.69 15.43 22.22
N THR E 57 24.11 16.37 23.09
CA THR E 57 23.51 17.70 23.13
C THR E 57 24.41 18.79 22.53
N ASN E 58 23.79 19.83 21.98
CA ASN E 58 24.49 20.94 21.34
C ASN E 58 23.81 22.27 21.69
N TYR E 59 24.58 23.30 22.03
CA TYR E 59 24.01 24.57 22.52
C TYR E 59 24.63 25.80 21.89
N ALA E 60 23.78 26.75 21.46
CA ALA E 60 24.26 28.05 20.98
C ALA E 60 24.96 28.83 22.12
N ASP E 61 25.93 29.65 21.72
CA ASP E 61 26.81 30.39 22.66
C ASP E 61 26.04 31.28 23.60
N SER E 62 24.96 31.87 23.09
CA SER E 62 24.15 32.80 23.88
C SER E 62 23.33 32.10 24.97
N VAL E 63 23.12 30.80 24.84
CA VAL E 63 22.24 30.08 25.74
C VAL E 63 22.97 29.03 26.59
N LYS E 64 24.19 28.68 26.18
CA LYS E 64 24.93 27.62 26.87
C LYS E 64 25.05 28.00 28.33
N GLY E 65 24.82 27.03 29.21
CA GLY E 65 24.91 27.22 30.66
C GLY E 65 23.65 27.75 31.32
N ARG E 66 22.77 28.40 30.55
CA ARG E 66 21.48 28.89 31.06
C ARG E 66 20.31 27.99 30.65
N PHE E 67 20.41 27.42 29.45
CA PHE E 67 19.40 26.52 28.92
C PHE E 67 19.91 25.08 28.99
N THR E 68 19.01 24.12 29.18
CA THR E 68 19.36 22.70 29.13
C THR E 68 18.33 21.95 28.32
N ILE E 69 18.78 21.21 27.32
CA ILE E 69 17.88 20.38 26.53
C ILE E 69 17.90 18.96 27.10
N SER E 70 16.74 18.31 27.11
CA SER E 70 16.61 17.01 27.74
C SER E 70 15.45 16.24 27.14
N ARG E 71 15.37 14.98 27.52
CA ARG E 71 14.64 14.01 26.76
C ARG E 71 13.86 13.10 27.70
N ASP E 72 12.71 12.61 27.24
CA ASP E 72 11.97 11.55 27.94
C ASP E 72 11.35 10.61 26.92
N ASN E 73 12.09 9.53 26.59
CA ASN E 73 11.71 8.63 25.51
C ASN E 73 10.44 7.83 25.76
N ALA E 74 10.08 7.64 27.03
CA ALA E 74 8.80 7.01 27.38
C ALA E 74 7.64 7.87 26.84
N LYS E 75 7.70 9.16 27.13
CA LYS E 75 6.66 10.09 26.75
C LYS E 75 6.90 10.70 25.37
N ASN E 76 7.97 10.28 24.70
CA ASN E 76 8.30 10.79 23.37
C ASN E 76 8.36 12.32 23.32
N THR E 77 8.95 12.93 24.34
CA THR E 77 9.00 14.40 24.43
C THR E 77 10.42 14.91 24.70
N VAL E 78 10.71 16.14 24.28
CA VAL E 78 11.94 16.84 24.64
C VAL E 78 11.59 18.11 25.42
N TYR E 79 12.54 18.62 26.20
CA TYR E 79 12.30 19.78 27.05
C TYR E 79 13.43 20.78 26.92
N LEU E 80 13.08 22.05 27.10
CA LEU E 80 14.08 23.12 27.15
C LEU E 80 13.88 23.87 28.45
N GLN E 81 14.81 23.69 29.38
CA GLN E 81 14.77 24.37 30.66
C GLN E 81 15.53 25.67 30.50
N MET E 82 14.81 26.78 30.55
CA MET E 82 15.40 28.08 30.35
C MET E 82 15.52 28.79 31.69
N ASN E 83 16.74 28.97 32.19
CA ASN E 83 16.99 29.71 33.42
C ASN E 83 17.69 31.02 33.11
N SER E 84 17.60 31.97 34.04
CA SER E 84 18.25 33.29 33.91
C SER E 84 17.84 34.01 32.62
N LEU E 85 16.55 34.00 32.29
CA LEU E 85 16.09 34.53 31.01
C LEU E 85 16.40 36.01 30.86
N LYS E 86 16.80 36.41 29.65
CA LYS E 86 17.08 37.80 29.35
C LYS E 86 16.10 38.28 28.29
N PRO E 87 15.87 39.60 28.18
CA PRO E 87 15.05 40.16 27.11
C PRO E 87 15.47 39.71 25.72
N GLU E 88 16.77 39.56 25.51
CA GLU E 88 17.35 38.98 24.28
C GLU E 88 16.69 37.64 23.86
N ASP E 89 16.19 36.89 24.84
CA ASP E 89 15.58 35.57 24.60
C ASP E 89 14.17 35.62 24.07
N THR E 90 13.60 36.80 24.01
CA THR E 90 12.21 36.96 23.62
C THR E 90 12.02 36.56 22.16
N ALA E 91 11.19 35.55 21.95
CA ALA E 91 11.04 34.95 20.63
C ALA E 91 9.95 33.86 20.63
N VAL E 92 9.54 33.45 19.42
CA VAL E 92 8.70 32.26 19.26
C VAL E 92 9.62 31.06 19.15
N TYR E 93 9.48 30.11 20.06
CA TYR E 93 10.35 28.93 20.06
C TYR E 93 9.66 27.77 19.32
N TYR E 94 10.34 27.24 18.29
CA TYR E 94 9.85 26.09 17.54
C TYR E 94 10.61 24.83 17.89
N CYS E 95 9.87 23.73 18.01
CA CYS E 95 10.43 22.41 18.18
C CYS E 95 10.52 21.79 16.79
N ASN E 96 11.68 21.20 16.45
CA ASN E 96 11.93 20.61 15.13
C ASN E 96 12.54 19.23 15.19
N ALA E 97 12.06 18.32 14.35
CA ALA E 97 12.56 16.94 14.30
C ALA E 97 13.16 16.65 12.93
N ASN E 98 14.46 16.41 12.87
CA ASN E 98 15.09 16.05 11.61
C ASN E 98 14.99 14.54 11.44
N VAL E 99 14.10 14.09 10.56
CA VAL E 99 13.86 12.67 10.37
C VAL E 99 14.63 12.12 9.18
N LYS E 100 14.95 10.83 9.20
CA LYS E 100 15.55 10.14 8.07
C LYS E 100 14.42 9.55 7.23
N THR E 101 14.49 9.72 5.91
CA THR E 101 13.46 9.21 5.01
C THR E 101 13.86 7.84 4.48
N TRP E 102 12.93 7.15 3.83
CA TRP E 102 13.21 5.84 3.24
C TRP E 102 14.24 5.94 2.11
N ALA E 103 14.42 7.13 1.57
CA ALA E 103 15.34 7.32 0.45
C ALA E 103 16.77 7.46 0.95
N GLY E 104 16.95 7.88 2.19
CA GLY E 104 18.30 8.14 2.73
C GLY E 104 18.66 9.62 2.84
N MET E 105 17.68 10.48 2.57
CA MET E 105 17.82 11.90 2.81
C MET E 105 17.19 12.23 4.15
N THR E 106 17.33 13.48 4.56
CA THR E 106 16.70 13.94 5.79
C THR E 106 15.67 15.01 5.47
N ARG E 107 14.81 15.30 6.44
CA ARG E 107 13.64 16.16 6.26
C ARG E 107 13.27 16.70 7.63
N ASP E 108 12.85 17.95 7.71
CA ASP E 108 12.51 18.57 8.98
C ASP E 108 11.00 18.68 9.10
N TYR E 109 10.47 18.22 10.23
CA TYR E 109 9.11 18.54 10.65
C TYR E 109 9.19 19.40 11.90
N TRP E 110 8.28 20.37 12.01
CA TRP E 110 8.28 21.28 13.16
C TRP E 110 6.89 21.86 13.43
N GLY E 111 6.67 22.34 14.67
CA GLY E 111 5.35 22.76 15.13
C GLY E 111 5.06 24.23 14.92
N GLN E 112 3.93 24.69 15.44
CA GLN E 112 3.52 26.08 15.26
C GLN E 112 4.27 27.06 16.16
N GLY E 113 4.93 26.52 17.17
CA GLY E 113 5.80 27.29 18.06
C GLY E 113 5.12 27.75 19.34
N THR E 114 5.92 28.26 20.28
CA THR E 114 5.42 28.79 21.54
C THR E 114 6.18 30.10 21.86
N GLN E 115 5.42 31.15 22.17
CA GLN E 115 6.00 32.47 22.41
C GLN E 115 6.56 32.59 23.81
N VAL E 116 7.82 33.01 23.91
CA VAL E 116 8.43 33.35 25.20
C VAL E 116 8.68 34.86 25.22
N THR E 117 8.19 35.52 26.28
CA THR E 117 8.40 36.96 26.44
C THR E 117 9.09 37.25 27.77
N VAL E 118 10.17 38.03 27.73
CA VAL E 118 10.96 38.36 28.92
C VAL E 118 10.99 39.88 29.10
N SER E 119 10.42 40.37 30.19
CA SER E 119 10.46 41.80 30.51
C SER E 119 11.72 42.11 31.30
N SER E 120 11.99 43.39 31.53
CA SER E 120 13.19 43.82 32.25
C SER E 120 13.11 43.50 33.76
N GLN F 1 -37.30 -39.37 -14.46
CA GLN F 1 -36.40 -39.73 -13.32
C GLN F 1 -34.91 -39.90 -13.74
N VAL F 2 -33.98 -39.87 -12.79
CA VAL F 2 -32.55 -40.24 -13.01
C VAL F 2 -31.97 -40.99 -11.81
N GLN F 3 -31.22 -42.06 -12.06
CA GLN F 3 -30.57 -42.85 -11.01
C GLN F 3 -29.03 -42.71 -11.08
N LEU F 4 -28.37 -42.62 -9.92
CA LEU F 4 -26.92 -42.44 -9.84
C LEU F 4 -26.22 -43.50 -9.01
N GLN F 5 -25.03 -43.93 -9.46
CA GLN F 5 -24.25 -44.96 -8.78
C GLN F 5 -22.79 -44.53 -8.53
N GLU F 6 -22.47 -44.16 -7.29
CA GLU F 6 -21.09 -43.81 -6.92
C GLU F 6 -20.20 -45.04 -6.74
N SER F 7 -18.89 -44.82 -6.86
CA SER F 7 -17.88 -45.81 -6.55
C SER F 7 -16.50 -45.15 -6.43
N GLY F 8 -15.56 -45.83 -5.79
CA GLY F 8 -14.14 -45.41 -5.82
C GLY F 8 -13.54 -44.90 -4.51
N GLY F 9 -14.34 -44.80 -3.46
CA GLY F 9 -13.82 -44.36 -2.17
C GLY F 9 -12.99 -45.44 -1.48
N GLY F 10 -12.37 -45.08 -0.36
CA GLY F 10 -11.52 -46.00 0.39
C GLY F 10 -10.56 -45.29 1.32
N LEU F 11 -9.73 -46.06 2.03
CA LEU F 11 -8.79 -45.50 2.99
C LEU F 11 -7.52 -45.12 2.25
N VAL F 12 -7.07 -43.87 2.42
CA VAL F 12 -5.81 -43.42 1.83
C VAL F 12 -5.01 -42.60 2.82
N GLN F 13 -3.70 -42.51 2.58
CA GLN F 13 -2.82 -41.63 3.34
C GLN F 13 -2.92 -40.20 2.82
N ALA F 14 -2.74 -39.24 3.73
CA ALA F 14 -2.58 -37.84 3.37
C ALA F 14 -1.47 -37.75 2.30
N GLY F 15 -1.65 -36.84 1.36
CA GLY F 15 -0.77 -36.74 0.19
C GLY F 15 -1.16 -37.64 -0.98
N GLY F 16 -1.95 -38.67 -0.71
CA GLY F 16 -2.31 -39.68 -1.70
C GLY F 16 -3.43 -39.18 -2.58
N SER F 17 -3.96 -40.06 -3.43
CA SER F 17 -4.99 -39.64 -4.37
C SER F 17 -6.07 -40.70 -4.57
N LEU F 18 -7.21 -40.28 -5.12
CA LEU F 18 -8.34 -41.17 -5.37
C LEU F 18 -9.12 -40.68 -6.57
N ARG F 19 -9.87 -41.58 -7.20
CA ARG F 19 -10.72 -41.24 -8.34
C ARG F 19 -12.09 -41.80 -8.12
N LEU F 20 -13.06 -40.93 -7.85
CA LEU F 20 -14.44 -41.34 -7.69
C LEU F 20 -15.11 -41.35 -9.05
N SER F 21 -15.95 -42.34 -9.30
CA SER F 21 -16.77 -42.42 -10.50
C SER F 21 -18.23 -42.35 -10.14
N CYS F 22 -19.04 -41.87 -11.07
CA CYS F 22 -20.48 -41.83 -10.89
C CYS F 22 -21.18 -42.06 -12.21
N ALA F 23 -21.87 -43.19 -12.32
CA ALA F 23 -22.57 -43.57 -13.54
C ALA F 23 -24.01 -43.11 -13.41
N ALA F 24 -24.52 -42.45 -14.45
CA ALA F 24 -25.89 -41.97 -14.45
C ALA F 24 -26.67 -42.81 -15.43
N SER F 25 -27.95 -42.99 -15.15
CA SER F 25 -28.85 -43.69 -16.07
C SER F 25 -30.25 -43.13 -15.92
N GLY F 26 -31.12 -43.51 -16.84
CA GLY F 26 -32.47 -42.96 -16.89
C GLY F 26 -32.53 -41.80 -17.85
N SER F 27 -33.17 -40.71 -17.43
CA SER F 27 -33.40 -39.59 -18.33
C SER F 27 -32.20 -38.64 -18.40
N ILE F 28 -31.14 -39.11 -19.05
CA ILE F 28 -29.89 -38.36 -19.21
C ILE F 28 -30.14 -36.99 -19.84
N PHE F 29 -31.01 -36.95 -20.85
CA PHE F 29 -31.28 -35.74 -21.61
C PHE F 29 -31.76 -34.57 -20.77
N SER F 30 -32.28 -34.85 -19.58
CA SER F 30 -32.84 -33.81 -18.70
C SER F 30 -31.80 -33.21 -17.77
N ILE F 31 -30.64 -33.87 -17.65
CA ILE F 31 -29.60 -33.43 -16.73
C ILE F 31 -29.01 -32.13 -17.20
N ASN F 32 -29.07 -31.08 -16.40
CA ASN F 32 -28.38 -29.86 -16.82
C ASN F 32 -27.09 -29.60 -16.04
N SER F 33 -26.86 -30.36 -14.97
CA SER F 33 -25.55 -30.38 -14.35
C SER F 33 -25.36 -31.60 -13.49
N MET F 34 -24.10 -31.94 -13.23
CA MET F 34 -23.80 -32.95 -12.24
C MET F 34 -22.72 -32.46 -11.30
N ASP F 35 -22.83 -32.83 -10.03
CA ASP F 35 -21.90 -32.32 -9.03
C ASP F 35 -21.62 -33.28 -7.91
N TRP F 36 -20.47 -33.10 -7.29
CA TRP F 36 -20.13 -33.84 -6.11
C TRP F 36 -20.24 -32.90 -4.91
N ASP F 37 -20.90 -33.38 -3.87
CA ASP F 37 -20.78 -32.76 -2.56
C ASP F 37 -20.36 -33.79 -1.54
N ARG F 38 -20.00 -33.31 -0.36
CA ARG F 38 -19.52 -34.18 0.68
C ARG F 38 -20.10 -33.78 2.02
N GLN F 39 -20.13 -34.74 2.93
CA GLN F 39 -20.73 -34.57 4.25
C GLN F 39 -19.97 -35.40 5.28
N ALA F 40 -19.47 -34.73 6.31
CA ALA F 40 -18.83 -35.39 7.44
C ALA F 40 -19.77 -35.35 8.63
N PRO F 41 -19.83 -36.43 9.43
CA PRO F 41 -20.68 -36.44 10.61
C PRO F 41 -20.54 -35.16 11.44
N GLY F 42 -21.68 -34.55 11.76
CA GLY F 42 -21.71 -33.32 12.54
C GLY F 42 -21.53 -32.03 11.76
N LYS F 43 -21.49 -32.08 10.44
CA LYS F 43 -21.28 -30.88 9.62
C LYS F 43 -22.32 -30.76 8.50
N GLN F 44 -22.38 -29.60 7.86
CA GLN F 44 -23.30 -29.38 6.74
C GLN F 44 -22.75 -30.08 5.52
N ARG F 45 -23.63 -30.68 4.73
CA ARG F 45 -23.23 -31.17 3.42
C ARG F 45 -22.75 -29.98 2.61
N GLU F 46 -21.64 -30.12 1.91
CA GLU F 46 -21.10 -28.99 1.14
C GLU F 46 -20.71 -29.37 -0.28
N LEU F 47 -20.90 -28.43 -1.20
CA LEU F 47 -20.56 -28.59 -2.61
C LEU F 47 -19.04 -28.63 -2.77
N VAL F 48 -18.57 -29.55 -3.60
CA VAL F 48 -17.14 -29.73 -3.84
C VAL F 48 -16.78 -29.27 -5.24
N ALA F 49 -17.47 -29.84 -6.22
CA ALA F 49 -17.26 -29.54 -7.61
C ALA F 49 -18.51 -29.87 -8.43
N THR F 50 -18.73 -29.08 -9.49
CA THR F 50 -19.84 -29.26 -10.43
C THR F 50 -19.33 -29.29 -11.85
N ILE F 51 -20.00 -30.05 -12.72
CA ILE F 51 -19.82 -29.93 -14.19
C ILE F 51 -21.19 -29.80 -14.84
N THR F 52 -21.39 -28.76 -15.65
CA THR F 52 -22.70 -28.54 -16.30
C THR F 52 -22.76 -29.32 -17.60
N SER F 53 -23.94 -29.40 -18.17
CA SER F 53 -24.13 -30.18 -19.39
C SER F 53 -23.46 -29.52 -20.59
N GLY F 54 -23.11 -28.23 -20.49
CA GLY F 54 -22.26 -27.59 -21.49
C GLY F 54 -20.78 -27.83 -21.24
N GLY F 55 -20.45 -28.37 -20.07
CA GLY F 55 -19.07 -28.70 -19.73
C GLY F 55 -18.36 -27.68 -18.85
N SER F 56 -19.05 -26.62 -18.44
CA SER F 56 -18.49 -25.68 -17.47
C SER F 56 -18.23 -26.38 -16.16
N THR F 57 -17.05 -26.10 -15.58
CA THR F 57 -16.69 -26.66 -14.30
C THR F 57 -16.70 -25.56 -13.25
N ASN F 58 -16.96 -25.98 -12.01
CA ASN F 58 -16.99 -25.10 -10.83
C ASN F 58 -16.33 -25.86 -9.67
N TYR F 59 -15.42 -25.20 -8.94
CA TYR F 59 -14.72 -25.81 -7.81
C TYR F 59 -14.84 -24.98 -6.53
N ALA F 60 -14.94 -25.66 -5.38
CA ALA F 60 -14.88 -25.04 -4.06
C ALA F 60 -13.45 -24.62 -3.75
N ASP F 61 -13.32 -23.59 -2.93
CA ASP F 61 -12.03 -23.03 -2.59
C ASP F 61 -11.09 -24.05 -1.98
N SER F 62 -11.65 -24.96 -1.19
CA SER F 62 -10.85 -25.91 -0.46
C SER F 62 -10.33 -27.05 -1.32
N VAL F 63 -10.83 -27.18 -2.57
CA VAL F 63 -10.41 -28.30 -3.41
C VAL F 63 -9.78 -27.90 -4.73
N LYS F 64 -9.98 -26.66 -5.16
CA LYS F 64 -9.47 -26.20 -6.46
C LYS F 64 -7.98 -26.51 -6.58
N GLY F 65 -7.56 -27.02 -7.74
CA GLY F 65 -6.16 -27.36 -7.98
C GLY F 65 -5.74 -28.72 -7.46
N ARG F 66 -6.50 -29.28 -6.53
CA ARG F 66 -6.30 -30.64 -6.08
C ARG F 66 -7.33 -31.57 -6.77
N PHE F 67 -8.58 -31.14 -6.80
CA PHE F 67 -9.66 -31.93 -7.37
C PHE F 67 -10.04 -31.41 -8.75
N THR F 68 -10.09 -32.32 -9.72
CA THR F 68 -10.56 -32.02 -11.06
C THR F 68 -11.81 -32.85 -11.29
N ILE F 69 -12.84 -32.23 -11.87
CA ILE F 69 -14.06 -32.93 -12.23
C ILE F 69 -14.07 -33.09 -13.75
N SER F 70 -14.51 -34.25 -14.23
CA SER F 70 -14.49 -34.52 -15.67
C SER F 70 -15.62 -35.46 -16.10
N ARG F 71 -15.72 -35.66 -17.41
CA ARG F 71 -16.90 -36.20 -18.04
C ARG F 71 -16.54 -37.28 -19.08
N ASP F 72 -17.41 -38.28 -19.24
CA ASP F 72 -17.33 -39.22 -20.37
C ASP F 72 -18.75 -39.56 -20.85
N ASN F 73 -19.23 -38.86 -21.88
CA ASN F 73 -20.62 -38.99 -22.35
C ASN F 73 -20.92 -40.28 -23.12
N ALA F 74 -19.88 -40.98 -23.54
CA ALA F 74 -20.01 -42.33 -24.10
C ALA F 74 -20.38 -43.35 -23.02
N LYS F 75 -20.02 -43.06 -21.78
CA LYS F 75 -20.33 -43.95 -20.65
C LYS F 75 -21.38 -43.34 -19.73
N ASN F 76 -21.79 -42.11 -20.02
CA ASN F 76 -22.68 -41.35 -19.14
C ASN F 76 -22.18 -41.36 -17.70
N THR F 77 -20.90 -41.04 -17.52
CA THR F 77 -20.33 -41.00 -16.17
C THR F 77 -19.50 -39.74 -15.96
N VAL F 78 -19.49 -39.25 -14.71
CA VAL F 78 -18.63 -38.13 -14.33
C VAL F 78 -17.65 -38.63 -13.28
N TYR F 79 -16.43 -38.07 -13.29
CA TYR F 79 -15.37 -38.47 -12.38
C TYR F 79 -14.93 -37.30 -11.50
N LEU F 80 -14.50 -37.61 -10.28
CA LEU F 80 -13.77 -36.66 -9.45
C LEU F 80 -12.38 -37.24 -9.17
N GLN F 81 -11.36 -36.56 -9.67
CA GLN F 81 -9.98 -36.95 -9.43
C GLN F 81 -9.51 -36.13 -8.25
N MET F 82 -9.05 -36.81 -7.21
CA MET F 82 -8.73 -36.17 -5.93
C MET F 82 -7.24 -36.30 -5.62
N ASN F 83 -6.46 -35.26 -5.90
CA ASN F 83 -5.01 -35.30 -5.64
C ASN F 83 -4.61 -34.63 -4.34
N SER F 84 -3.41 -34.94 -3.85
CA SER F 84 -2.91 -34.35 -2.61
C SER F 84 -3.98 -34.31 -1.50
N LEU F 85 -4.54 -35.46 -1.17
CA LEU F 85 -5.65 -35.54 -0.22
C LEU F 85 -5.25 -35.13 1.20
N LYS F 86 -6.19 -34.55 1.93
CA LYS F 86 -5.95 -34.14 3.30
C LYS F 86 -6.95 -34.82 4.25
N PRO F 87 -6.56 -34.97 5.53
CA PRO F 87 -7.51 -35.43 6.54
C PRO F 87 -8.84 -34.67 6.48
N GLU F 88 -8.78 -33.39 6.17
CA GLU F 88 -9.97 -32.55 6.06
C GLU F 88 -10.90 -33.01 4.94
N ASP F 89 -10.37 -33.75 3.98
CA ASP F 89 -11.19 -34.30 2.89
C ASP F 89 -12.01 -35.53 3.31
N THR F 90 -11.87 -36.01 4.54
CA THR F 90 -12.62 -37.18 5.00
C THR F 90 -14.10 -36.87 5.04
N ALA F 91 -14.91 -37.60 4.28
CA ALA F 91 -16.35 -37.36 4.22
C ALA F 91 -17.01 -38.45 3.39
N VAL F 92 -18.33 -38.52 3.42
CA VAL F 92 -19.07 -39.31 2.43
C VAL F 92 -19.25 -38.37 1.24
N TYR F 93 -18.88 -38.83 0.04
CA TYR F 93 -19.02 -38.06 -1.20
C TYR F 93 -20.23 -38.51 -2.00
N TYR F 94 -21.12 -37.57 -2.31
CA TYR F 94 -22.34 -37.86 -3.05
C TYR F 94 -22.25 -37.31 -4.44
N CYS F 95 -22.75 -38.06 -5.41
CA CYS F 95 -22.90 -37.59 -6.76
C CYS F 95 -24.35 -37.23 -6.96
N ASN F 96 -24.59 -36.01 -7.46
CA ASN F 96 -25.93 -35.45 -7.57
C ASN F 96 -26.23 -34.91 -8.96
N ALA F 97 -27.33 -35.38 -9.53
CA ALA F 97 -27.83 -34.88 -10.79
C ALA F 97 -28.90 -33.80 -10.55
N ASN F 98 -28.70 -32.62 -11.15
CA ASN F 98 -29.75 -31.61 -11.25
C ASN F 98 -30.43 -31.78 -12.59
N VAL F 99 -31.71 -32.12 -12.57
CA VAL F 99 -32.46 -32.32 -13.81
C VAL F 99 -33.47 -31.19 -14.00
N LYS F 100 -33.73 -30.82 -15.26
CA LYS F 100 -34.83 -29.92 -15.61
C LYS F 100 -36.13 -30.72 -15.83
N THR F 101 -37.25 -30.25 -15.28
CA THR F 101 -38.53 -30.98 -15.38
C THR F 101 -39.39 -30.43 -16.52
N TRP F 102 -40.38 -31.21 -16.92
CA TRP F 102 -41.31 -30.82 -17.99
C TRP F 102 -41.99 -29.48 -17.67
N ALA F 103 -42.22 -29.22 -16.38
CA ALA F 103 -42.85 -27.98 -15.93
C ALA F 103 -41.90 -26.78 -15.93
N GLY F 104 -40.61 -26.99 -16.17
CA GLY F 104 -39.66 -25.90 -16.25
C GLY F 104 -38.98 -25.58 -14.94
N MET F 105 -39.15 -26.44 -13.93
CA MET F 105 -38.43 -26.34 -12.66
C MET F 105 -37.25 -27.33 -12.66
N THR F 106 -36.40 -27.26 -11.64
CA THR F 106 -35.35 -28.27 -11.49
C THR F 106 -35.55 -29.14 -10.24
N ARG F 107 -34.81 -30.25 -10.21
CA ARG F 107 -34.98 -31.32 -9.21
C ARG F 107 -33.66 -32.08 -9.04
N ASP F 108 -33.29 -32.40 -7.81
CA ASP F 108 -32.04 -33.10 -7.56
C ASP F 108 -32.26 -34.59 -7.34
N TYR F 109 -31.41 -35.39 -7.96
CA TYR F 109 -31.38 -36.84 -7.77
C TYR F 109 -29.96 -37.19 -7.40
N TRP F 110 -29.76 -37.92 -6.30
CA TRP F 110 -28.41 -38.25 -5.85
C TRP F 110 -28.33 -39.66 -5.26
N GLY F 111 -27.10 -40.11 -5.02
CA GLY F 111 -26.81 -41.48 -4.67
C GLY F 111 -26.67 -41.75 -3.19
N GLN F 112 -26.35 -43.00 -2.85
CA GLN F 112 -26.08 -43.40 -1.48
C GLN F 112 -24.75 -42.81 -0.98
N GLY F 113 -23.86 -42.50 -1.92
CA GLY F 113 -22.60 -41.84 -1.61
C GLY F 113 -21.49 -42.82 -1.31
N THR F 114 -20.24 -42.38 -1.40
CA THR F 114 -19.08 -43.23 -1.14
C THR F 114 -18.13 -42.60 -0.10
N GLN F 115 -17.77 -43.38 0.93
CA GLN F 115 -16.92 -42.87 2.02
C GLN F 115 -15.46 -42.78 1.61
N VAL F 116 -14.91 -41.59 1.80
CA VAL F 116 -13.49 -41.36 1.60
C VAL F 116 -12.87 -41.09 2.96
N THR F 117 -11.77 -41.76 3.28
CA THR F 117 -11.04 -41.54 4.52
C THR F 117 -9.55 -41.29 4.25
N VAL F 118 -9.05 -40.17 4.78
CA VAL F 118 -7.64 -39.81 4.65
C VAL F 118 -7.00 -39.75 6.03
N SER F 119 -5.95 -40.53 6.25
CA SER F 119 -5.20 -40.52 7.50
C SER F 119 -4.03 -39.54 7.42
N SER F 120 -3.54 -39.12 8.59
CA SER F 120 -2.50 -38.09 8.68
C SER F 120 -1.18 -38.48 7.99
N GLN G 1 49.34 26.48 9.82
CA GLN G 1 49.64 25.47 10.88
C GLN G 1 49.15 25.92 12.29
N VAL G 2 48.72 24.97 13.13
CA VAL G 2 48.40 25.22 14.55
C VAL G 2 49.00 24.15 15.46
N GLN G 3 49.61 24.55 16.58
CA GLN G 3 50.25 23.61 17.51
C GLN G 3 49.56 23.58 18.88
N LEU G 4 49.39 22.38 19.43
CA LEU G 4 48.55 22.15 20.63
C LEU G 4 49.23 21.39 21.76
N GLN G 5 49.09 21.89 22.98
CA GLN G 5 49.73 21.28 24.16
C GLN G 5 48.68 21.01 25.25
N GLU G 6 48.45 19.73 25.54
CA GLU G 6 47.51 19.31 26.59
C GLU G 6 48.18 19.32 27.97
N SER G 7 47.36 19.30 29.01
CA SER G 7 47.80 19.11 30.39
C SER G 7 46.60 18.87 31.28
N GLY G 8 46.85 18.51 32.52
CA GLY G 8 45.80 18.37 33.52
C GLY G 8 45.38 16.95 33.86
N GLY G 9 45.90 15.97 33.14
CA GLY G 9 45.56 14.57 33.41
C GLY G 9 46.09 14.09 34.75
N GLY G 10 45.78 12.85 35.10
CA GLY G 10 46.25 12.25 36.35
C GLY G 10 45.31 11.19 36.90
N LEU G 11 45.64 10.69 38.08
CA LEU G 11 44.88 9.62 38.72
C LEU G 11 43.91 10.22 39.75
N VAL G 12 42.69 9.73 39.74
CA VAL G 12 41.63 10.25 40.58
C VAL G 12 40.62 9.15 40.92
N GLN G 13 40.04 9.22 42.11
CA GLN G 13 39.04 8.22 42.50
C GLN G 13 37.67 8.55 41.89
N ALA G 14 36.86 7.53 41.66
CA ALA G 14 35.52 7.69 41.13
C ALA G 14 34.72 8.74 41.94
N GLY G 15 34.11 9.70 41.25
CA GLY G 15 33.42 10.81 41.89
C GLY G 15 34.28 12.05 42.00
N GLY G 16 35.59 11.91 41.77
CA GLY G 16 36.54 13.02 41.81
C GLY G 16 36.43 13.85 40.54
N SER G 17 37.28 14.86 40.42
CA SER G 17 37.21 15.79 39.31
C SER G 17 38.58 16.25 38.82
N LEU G 18 38.68 16.54 37.52
CA LEU G 18 39.90 17.07 36.93
C LEU G 18 39.56 18.18 35.96
N ARG G 19 40.53 19.05 35.71
CA ARG G 19 40.40 20.09 34.71
C ARG G 19 41.53 19.96 33.69
N LEU G 20 41.19 19.58 32.47
CA LEU G 20 42.16 19.57 31.38
C LEU G 20 42.31 20.98 30.79
N SER G 21 43.52 21.33 30.38
CA SER G 21 43.81 22.61 29.71
C SER G 21 44.53 22.30 28.43
N CYS G 22 44.27 23.10 27.40
CA CYS G 22 44.98 22.96 26.14
C CYS G 22 45.27 24.34 25.53
N ALA G 23 46.55 24.68 25.47
CA ALA G 23 47.00 25.97 24.92
C ALA G 23 47.33 25.83 23.45
N ALA G 24 46.61 26.59 22.62
CA ALA G 24 46.85 26.59 21.17
C ALA G 24 47.82 27.72 20.81
N SER G 25 48.54 27.53 19.71
CA SER G 25 49.45 28.54 19.17
C SER G 25 49.56 28.38 17.64
N GLY G 26 50.18 29.35 16.99
CA GLY G 26 50.28 29.35 15.52
C GLY G 26 49.15 30.15 14.90
N SER G 27 48.43 29.56 13.95
CA SER G 27 47.40 30.29 13.21
C SER G 27 46.03 30.25 13.91
N ILE G 28 45.96 30.86 15.08
CA ILE G 28 44.73 30.93 15.86
C ILE G 28 43.54 31.46 15.03
N PHE G 29 43.82 32.38 14.12
CA PHE G 29 42.75 32.90 13.27
C PHE G 29 42.09 31.85 12.36
N SER G 30 42.78 30.75 12.08
CA SER G 30 42.24 29.71 11.20
C SER G 30 41.35 28.75 11.96
N ILE G 31 41.57 28.63 13.28
CA ILE G 31 40.79 27.69 14.10
C ILE G 31 39.33 28.07 14.00
N ASN G 32 38.51 27.17 13.49
CA ASN G 32 37.08 27.42 13.53
C ASN G 32 36.33 26.47 14.46
N SER G 33 37.05 25.53 15.08
CA SER G 33 36.46 24.67 16.10
C SER G 33 37.55 23.98 16.91
N MET G 34 37.33 23.78 18.20
CA MET G 34 38.25 22.99 19.03
C MET G 34 37.48 21.93 19.80
N ASP G 35 37.99 20.70 19.79
CA ASP G 35 37.32 19.62 20.50
C ASP G 35 38.27 18.77 21.30
N TRP G 36 37.70 18.08 22.29
CA TRP G 36 38.41 17.08 23.05
C TRP G 36 37.87 15.72 22.63
N ASP G 37 38.75 14.81 22.25
CA ASP G 37 38.36 13.41 22.10
C ASP G 37 39.25 12.53 22.95
N ARG G 38 38.82 11.28 23.13
CA ARG G 38 39.53 10.35 24.01
C ARG G 38 39.64 8.97 23.39
N GLN G 39 40.64 8.22 23.85
CA GLN G 39 40.95 6.91 23.28
C GLN G 39 41.52 6.01 24.35
N ALA G 40 40.85 4.90 24.59
CA ALA G 40 41.39 3.84 25.44
C ALA G 40 41.98 2.76 24.55
N PRO G 41 43.02 2.06 25.02
CA PRO G 41 43.59 0.98 24.21
C PRO G 41 42.55 -0.10 23.88
N GLY G 42 42.45 -0.44 22.60
CA GLY G 42 41.53 -1.46 22.13
C GLY G 42 40.20 -0.93 21.64
N LYS G 43 39.99 0.39 21.70
CA LYS G 43 38.72 1.02 21.34
C LYS G 43 38.88 2.13 20.31
N GLN G 44 37.76 2.53 19.69
CA GLN G 44 37.75 3.69 18.78
C GLN G 44 38.04 4.93 19.59
N ARG G 45 38.82 5.83 19.02
CA ARG G 45 38.85 7.21 19.51
C ARG G 45 37.48 7.80 19.22
N GLU G 46 36.90 8.46 20.22
CA GLU G 46 35.56 9.03 20.11
C GLU G 46 35.57 10.48 20.59
N LEU G 47 34.64 11.26 20.07
CA LEU G 47 34.53 12.69 20.40
C LEU G 47 33.83 12.87 21.75
N VAL G 48 34.43 13.69 22.62
CA VAL G 48 33.87 13.99 23.94
C VAL G 48 33.07 15.31 23.93
N ALA G 49 33.75 16.41 23.61
CA ALA G 49 33.16 17.75 23.68
C ALA G 49 33.77 18.73 22.67
N THR G 50 32.99 19.67 22.19
CA THR G 50 33.43 20.58 21.14
C THR G 50 32.98 22.00 21.48
N ILE G 51 33.85 22.97 21.17
CA ILE G 51 33.50 24.38 21.28
C ILE G 51 33.86 25.06 19.95
N THR G 52 32.89 25.68 19.29
CA THR G 52 33.18 26.37 18.02
C THR G 52 33.77 27.76 18.28
N SER G 53 34.21 28.41 17.22
CA SER G 53 34.83 29.74 17.36
C SER G 53 33.81 30.79 17.71
N GLY G 54 32.54 30.53 17.39
CA GLY G 54 31.41 31.34 17.87
C GLY G 54 31.02 31.03 19.31
N GLY G 55 31.55 29.96 19.88
CA GLY G 55 31.33 29.61 21.28
C GLY G 55 30.23 28.59 21.54
N SER G 56 29.65 28.04 20.48
CA SER G 56 28.70 26.93 20.58
C SER G 56 29.40 25.73 21.15
N THR G 57 28.68 24.92 21.90
CA THR G 57 29.26 23.73 22.50
C THR G 57 28.47 22.48 22.18
N ASN G 58 29.19 21.38 22.06
CA ASN G 58 28.63 20.05 21.81
C ASN G 58 29.13 19.04 22.85
N TYR G 59 28.25 18.17 23.34
CA TYR G 59 28.64 17.15 24.30
C TYR G 59 28.13 15.76 23.94
N ALA G 60 29.03 14.78 23.98
CA ALA G 60 28.64 13.38 23.81
C ALA G 60 27.67 13.00 24.92
N ASP G 61 26.75 12.10 24.60
CA ASP G 61 25.72 11.64 25.54
C ASP G 61 26.28 11.24 26.90
N SER G 62 27.36 10.46 26.86
CA SER G 62 27.99 9.89 28.04
C SER G 62 28.57 10.91 29.03
N VAL G 63 28.91 12.10 28.57
CA VAL G 63 29.56 13.09 29.44
C VAL G 63 28.69 14.33 29.77
N LYS G 64 27.58 14.51 29.04
CA LYS G 64 26.74 15.70 29.21
C LYS G 64 26.26 15.84 30.66
N GLY G 65 26.37 17.07 31.20
CA GLY G 65 26.09 17.31 32.60
C GLY G 65 27.34 17.22 33.46
N ARG G 66 28.17 16.20 33.21
CA ARG G 66 29.36 15.98 34.02
C ARG G 66 30.56 16.78 33.52
N PHE G 67 30.64 17.03 32.21
CA PHE G 67 31.81 17.66 31.60
C PHE G 67 31.41 19.00 31.01
N THR G 68 32.22 20.03 31.25
CA THR G 68 31.99 21.35 30.65
C THR G 68 33.23 21.78 29.86
N ILE G 69 33.02 22.14 28.60
CA ILE G 69 34.08 22.69 27.78
C ILE G 69 33.96 24.20 27.82
N SER G 70 35.09 24.88 27.76
CA SER G 70 35.13 26.33 27.92
C SER G 70 36.42 26.90 27.33
N ARG G 71 36.58 28.21 27.44
CA ARG G 71 37.45 28.97 26.55
C ARG G 71 37.97 30.23 27.23
N ASP G 72 39.22 30.60 26.95
CA ASP G 72 39.79 31.85 27.42
C ASP G 72 40.70 32.36 26.33
N ASN G 73 40.15 33.21 25.46
CA ASN G 73 40.86 33.66 24.26
C ASN G 73 42.03 34.59 24.53
N ALA G 74 42.02 35.25 25.68
CA ALA G 74 43.17 36.07 26.10
C ALA G 74 44.43 35.20 26.26
N LYS G 75 44.24 33.97 26.74
CA LYS G 75 45.31 32.99 26.88
C LYS G 75 45.35 31.95 25.75
N ASN G 76 44.44 32.07 24.78
CA ASN G 76 44.30 31.10 23.69
C ASN G 76 44.21 29.65 24.15
N THR G 77 43.44 29.43 25.22
CA THR G 77 43.33 28.11 25.84
C THR G 77 41.87 27.67 25.96
N VAL G 78 41.64 26.38 25.74
CA VAL G 78 40.32 25.77 25.97
C VAL G 78 40.47 24.75 27.09
N TYR G 79 39.43 24.60 27.92
CA TYR G 79 39.47 23.76 29.10
C TYR G 79 38.42 22.68 29.00
N LEU G 80 38.65 21.56 29.68
CA LEU G 80 37.62 20.56 29.93
C LEU G 80 37.51 20.28 31.42
N GLN G 81 36.43 20.73 32.04
CA GLN G 81 36.19 20.50 33.45
C GLN G 81 35.45 19.18 33.56
N MET G 82 36.10 18.20 34.18
CA MET G 82 35.57 16.85 34.26
C MET G 82 35.14 16.59 35.70
N ASN G 83 33.83 16.67 35.96
CA ASN G 83 33.27 16.37 37.28
C ASN G 83 32.65 14.97 37.34
N SER G 84 32.47 14.45 38.56
CA SER G 84 31.79 13.16 38.80
C SER G 84 32.36 12.00 37.97
N LEU G 85 33.67 11.85 37.98
CA LEU G 85 34.33 10.93 37.05
C LEU G 85 34.02 9.47 37.37
N LYS G 86 33.78 8.70 36.31
CA LYS G 86 33.60 7.26 36.43
C LYS G 86 34.80 6.54 35.78
N PRO G 87 35.05 5.27 36.16
CA PRO G 87 36.06 4.45 35.51
C PRO G 87 35.96 4.44 33.98
N GLU G 88 34.74 4.36 33.48
CA GLU G 88 34.45 4.45 32.03
C GLU G 88 35.19 5.59 31.29
N ASP G 89 35.54 6.65 32.02
CA ASP G 89 36.20 7.84 31.45
C ASP G 89 37.71 7.73 31.38
N THR G 90 38.26 6.59 31.80
CA THR G 90 39.70 6.34 31.74
C THR G 90 40.11 6.24 30.29
N ALA G 91 40.96 7.17 29.87
CA ALA G 91 41.39 7.26 28.48
C ALA G 91 42.47 8.33 28.37
N VAL G 92 43.13 8.38 27.21
CA VAL G 92 44.02 9.48 26.88
C VAL G 92 43.16 10.52 26.22
N TYR G 93 43.17 11.74 26.73
CA TYR G 93 42.34 12.81 26.15
C TYR G 93 43.17 13.73 25.23
N TYR G 94 42.73 13.84 23.97
CA TYR G 94 43.41 14.68 22.99
C TYR G 94 42.62 15.94 22.74
N CYS G 95 43.36 17.01 22.58
CA CYS G 95 42.81 18.29 22.18
C CYS G 95 43.11 18.47 20.70
N ASN G 96 42.07 18.72 19.92
CA ASN G 96 42.18 18.82 18.48
C ASN G 96 41.58 20.10 17.90
N ALA G 97 42.38 20.86 17.15
CA ALA G 97 41.95 22.09 16.49
C ALA G 97 41.57 21.80 15.05
N ASN G 98 40.31 22.03 14.68
CA ASN G 98 39.89 22.01 13.28
C ASN G 98 40.05 23.40 12.67
N VAL G 99 40.86 23.49 11.61
CA VAL G 99 41.18 24.78 11.00
C VAL G 99 40.73 24.85 9.55
N LYS G 100 40.60 26.07 9.05
CA LYS G 100 40.27 26.33 7.65
C LYS G 100 41.57 26.62 6.93
N THR G 101 41.74 26.04 5.74
CA THR G 101 42.92 26.30 4.94
C THR G 101 42.61 27.41 3.95
N TRP G 102 43.66 28.00 3.39
CA TRP G 102 43.52 29.01 2.35
C TRP G 102 42.72 28.45 1.17
N ALA G 103 42.78 27.14 0.96
CA ALA G 103 42.05 26.50 -0.14
C ALA G 103 40.55 26.37 0.14
N GLY G 104 40.11 26.57 1.38
CA GLY G 104 38.69 26.44 1.73
C GLY G 104 38.26 25.10 2.30
N MET G 105 39.19 24.15 2.43
CA MET G 105 38.89 22.86 3.05
C MET G 105 39.18 23.00 4.54
N THR G 106 39.06 21.91 5.29
CA THR G 106 39.49 21.94 6.68
C THR G 106 40.50 20.82 6.97
N ARG G 107 41.23 21.00 8.07
CA ARG G 107 42.36 20.15 8.45
C ARG G 107 42.35 20.12 9.98
N ASP G 108 42.72 18.98 10.54
CA ASP G 108 42.82 18.82 11.98
C ASP G 108 44.28 18.91 12.38
N TYR G 109 44.55 19.56 13.50
CA TYR G 109 45.84 19.47 14.14
C TYR G 109 45.53 19.08 15.56
N TRP G 110 46.29 18.12 16.11
CA TRP G 110 46.04 17.67 17.49
C TRP G 110 47.36 17.35 18.24
N GLY G 111 47.25 17.10 19.54
CA GLY G 111 48.41 17.01 20.44
C GLY G 111 48.67 15.59 20.89
N GLN G 112 49.79 15.39 21.59
CA GLN G 112 50.22 14.06 22.04
C GLN G 112 49.24 13.43 23.03
N GLY G 113 48.51 14.27 23.76
CA GLY G 113 47.44 13.81 24.65
C GLY G 113 47.85 13.80 26.11
N THR G 114 46.84 13.80 26.99
CA THR G 114 47.04 13.71 28.44
C THR G 114 46.19 12.56 29.01
N GLN G 115 46.82 11.64 29.75
CA GLN G 115 46.17 10.44 30.25
C GLN G 115 45.36 10.71 31.48
N VAL G 116 44.16 10.17 31.51
CA VAL G 116 43.25 10.27 32.63
C VAL G 116 42.97 8.84 33.10
N THR G 117 43.17 8.58 34.39
CA THR G 117 42.83 7.30 35.02
C THR G 117 41.88 7.49 36.21
N VAL G 118 40.79 6.73 36.23
CA VAL G 118 39.80 6.79 37.30
C VAL G 118 39.64 5.42 37.97
N SER G 119 40.10 5.31 39.21
CA SER G 119 39.98 4.07 39.97
C SER G 119 38.64 4.00 40.68
N SER G 120 38.20 2.77 40.96
CA SER G 120 36.93 2.52 41.65
C SER G 120 36.86 3.08 43.07
N GLN H 1 -19.15 2.15 -4.61
CA GLN H 1 -18.47 2.20 -5.93
C GLN H 1 -17.22 1.26 -5.95
N VAL H 2 -16.85 0.75 -7.13
CA VAL H 2 -15.60 -0.01 -7.34
C VAL H 2 -15.01 0.19 -8.76
N GLN H 3 -13.69 0.39 -8.84
CA GLN H 3 -13.00 0.69 -10.09
C GLN H 3 -12.00 -0.42 -10.43
N LEU H 4 -11.97 -0.84 -11.70
CA LEU H 4 -11.10 -1.93 -12.11
C LEU H 4 -10.13 -1.51 -13.20
N GLN H 5 -8.88 -1.98 -13.11
CA GLN H 5 -7.84 -1.69 -14.10
C GLN H 5 -7.17 -2.98 -14.65
N GLU H 6 -7.52 -3.35 -15.89
CA GLU H 6 -6.95 -4.54 -16.54
C GLU H 6 -5.58 -4.26 -17.13
N SER H 7 -4.82 -5.32 -17.35
CA SER H 7 -3.53 -5.28 -18.06
C SER H 7 -3.06 -6.71 -18.38
N GLY H 8 -2.03 -6.83 -19.21
CA GLY H 8 -1.48 -8.14 -19.58
C GLY H 8 -1.70 -8.59 -21.01
N GLY H 9 -2.64 -7.96 -21.71
CA GLY H 9 -2.91 -8.28 -23.12
C GLY H 9 -1.73 -8.07 -24.05
N GLY H 10 -1.89 -8.49 -25.30
CA GLY H 10 -0.81 -8.41 -26.29
C GLY H 10 -0.90 -9.44 -27.41
N LEU H 11 0.11 -9.46 -28.28
CA LEU H 11 0.11 -10.36 -29.44
C LEU H 11 0.90 -11.62 -29.09
N VAL H 12 0.34 -12.78 -29.40
CA VAL H 12 0.95 -14.05 -29.05
C VAL H 12 0.68 -15.04 -30.16
N GLN H 13 1.46 -16.10 -30.23
CA GLN H 13 1.23 -17.16 -31.20
C GLN H 13 0.46 -18.30 -30.56
N ALA H 14 -0.31 -19.00 -31.39
CA ALA H 14 -1.00 -20.23 -30.99
C ALA H 14 -0.05 -21.17 -30.23
N GLY H 15 -0.51 -21.63 -29.07
CA GLY H 15 0.33 -22.43 -28.16
C GLY H 15 0.95 -21.59 -27.05
N GLY H 16 1.00 -20.27 -27.25
CA GLY H 16 1.63 -19.37 -26.31
C GLY H 16 0.74 -19.04 -25.14
N SER H 17 1.22 -18.16 -24.28
CA SER H 17 0.54 -17.87 -23.04
C SER H 17 0.69 -16.42 -22.62
N LEU H 18 -0.32 -15.92 -21.91
CA LEU H 18 -0.31 -14.60 -21.32
C LEU H 18 -0.90 -14.69 -19.93
N ARG H 19 -0.61 -13.68 -19.12
CA ARG H 19 -1.20 -13.53 -17.80
C ARG H 19 -1.86 -12.17 -17.72
N LEU H 20 -3.19 -12.16 -17.58
CA LEU H 20 -3.97 -10.93 -17.41
C LEU H 20 -4.08 -10.55 -15.93
N SER H 21 -3.90 -9.27 -15.62
CA SER H 21 -4.06 -8.76 -14.26
C SER H 21 -5.23 -7.80 -14.19
N CYS H 22 -5.84 -7.70 -13.01
CA CYS H 22 -6.90 -6.73 -12.74
C CYS H 22 -6.79 -6.26 -11.32
N ALA H 23 -6.61 -4.96 -11.14
CA ALA H 23 -6.44 -4.38 -9.80
C ALA H 23 -7.71 -3.63 -9.43
N ALA H 24 -8.35 -4.05 -8.35
CA ALA H 24 -9.60 -3.45 -7.91
C ALA H 24 -9.31 -2.43 -6.85
N SER H 25 -10.08 -1.33 -6.84
CA SER H 25 -10.04 -0.35 -5.76
C SER H 25 -11.44 0.16 -5.48
N GLY H 26 -11.58 0.93 -4.40
CA GLY H 26 -12.89 1.33 -3.87
C GLY H 26 -13.37 0.44 -2.74
N SER H 27 -14.64 0.04 -2.79
CA SER H 27 -15.29 -0.71 -1.72
C SER H 27 -15.08 -2.21 -1.85
N ILE H 28 -13.85 -2.64 -1.62
CA ILE H 28 -13.45 -4.05 -1.75
C ILE H 28 -14.34 -4.98 -0.92
N PHE H 29 -14.80 -4.50 0.24
CA PHE H 29 -15.67 -5.29 1.12
C PHE H 29 -16.99 -5.67 0.46
N SER H 30 -17.47 -4.82 -0.44
CA SER H 30 -18.72 -5.04 -1.16
C SER H 30 -18.61 -6.08 -2.27
N ILE H 31 -17.40 -6.36 -2.73
CA ILE H 31 -17.21 -7.35 -3.83
C ILE H 31 -17.62 -8.74 -3.37
N ASN H 32 -18.57 -9.38 -4.04
CA ASN H 32 -18.82 -10.77 -3.70
C ASN H 32 -18.49 -11.76 -4.80
N SER H 33 -17.86 -11.27 -5.86
CA SER H 33 -17.45 -12.09 -6.97
C SER H 33 -16.67 -11.23 -7.96
N MET H 34 -15.70 -11.84 -8.64
CA MET H 34 -15.04 -11.18 -9.77
C MET H 34 -14.86 -12.12 -10.93
N ASP H 35 -15.06 -11.62 -12.15
CA ASP H 35 -14.90 -12.46 -13.35
C ASP H 35 -14.28 -11.75 -14.52
N TRP H 36 -13.69 -12.57 -15.40
CA TRP H 36 -13.22 -12.14 -16.69
C TRP H 36 -14.23 -12.59 -17.73
N ASP H 37 -14.75 -11.66 -18.52
CA ASP H 37 -15.46 -12.03 -19.73
C ASP H 37 -14.72 -11.46 -20.92
N ARG H 38 -15.09 -11.92 -22.10
CA ARG H 38 -14.43 -11.48 -23.31
C ARG H 38 -15.45 -11.18 -24.39
N GLN H 39 -15.03 -10.39 -25.36
CA GLN H 39 -15.91 -9.91 -26.42
C GLN H 39 -15.07 -9.62 -27.67
N ALA H 40 -15.42 -10.29 -28.76
CA ALA H 40 -14.86 -10.00 -30.07
C ALA H 40 -15.91 -9.24 -30.85
N PRO H 41 -15.48 -8.31 -31.71
CA PRO H 41 -16.45 -7.52 -32.50
C PRO H 41 -17.42 -8.38 -33.28
N GLY H 42 -18.70 -8.05 -33.21
CA GLY H 42 -19.76 -8.79 -33.88
C GLY H 42 -20.31 -9.98 -33.11
N LYS H 43 -19.71 -10.28 -31.96
CA LYS H 43 -20.11 -11.43 -31.15
C LYS H 43 -20.61 -10.97 -29.80
N GLN H 44 -21.20 -11.89 -29.05
CA GLN H 44 -21.70 -11.58 -27.72
C GLN H 44 -20.59 -11.63 -26.66
N ARG H 45 -20.68 -10.74 -25.69
CA ARG H 45 -19.78 -10.76 -24.57
C ARG H 45 -20.10 -12.01 -23.78
N GLU H 46 -19.07 -12.79 -23.45
CA GLU H 46 -19.28 -14.06 -22.78
C GLU H 46 -18.37 -14.27 -21.58
N LEU H 47 -18.90 -14.95 -20.57
CA LEU H 47 -18.18 -15.21 -19.33
C LEU H 47 -17.09 -16.26 -19.58
N VAL H 48 -15.89 -15.96 -19.10
CA VAL H 48 -14.72 -16.85 -19.22
C VAL H 48 -14.42 -17.66 -17.93
N ALA H 49 -14.26 -16.94 -16.81
CA ALA H 49 -13.93 -17.54 -15.51
C ALA H 49 -14.35 -16.63 -14.37
N THR H 50 -14.79 -17.21 -13.27
CA THR H 50 -15.23 -16.44 -12.10
C THR H 50 -14.47 -16.90 -10.84
N ILE H 51 -14.18 -15.96 -9.94
CA ILE H 51 -13.71 -16.31 -8.60
C ILE H 51 -14.53 -15.56 -7.53
N THR H 52 -15.18 -16.30 -6.63
CA THR H 52 -16.01 -15.68 -5.59
C THR H 52 -15.17 -15.23 -4.39
N SER H 53 -15.77 -14.46 -3.49
CA SER H 53 -15.04 -13.95 -2.33
C SER H 53 -14.59 -15.05 -1.38
N GLY H 54 -15.24 -16.21 -1.42
CA GLY H 54 -14.79 -17.38 -0.65
C GLY H 54 -13.65 -18.12 -1.34
N GLY H 55 -13.45 -17.83 -2.64
CA GLY H 55 -12.34 -18.39 -3.41
C GLY H 55 -12.74 -19.48 -4.39
N SER H 56 -14.04 -19.77 -4.47
CA SER H 56 -14.56 -20.71 -5.47
C SER H 56 -14.24 -20.21 -6.86
N THR H 57 -13.88 -21.14 -7.74
CA THR H 57 -13.58 -20.82 -9.12
C THR H 57 -14.58 -21.50 -10.06
N ASN H 58 -14.95 -20.81 -11.13
CA ASN H 58 -15.85 -21.33 -12.17
C ASN H 58 -15.21 -21.12 -13.52
N TYR H 59 -15.24 -22.15 -14.38
CA TYR H 59 -14.65 -22.03 -15.75
C TYR H 59 -15.60 -22.40 -16.88
N ALA H 60 -15.62 -21.56 -17.93
CA ALA H 60 -16.35 -21.88 -19.16
C ALA H 60 -15.74 -23.10 -19.88
N ASP H 61 -16.58 -23.92 -20.50
CA ASP H 61 -16.14 -25.19 -21.10
C ASP H 61 -14.92 -24.99 -21.97
N SER H 62 -14.95 -23.95 -22.79
CA SER H 62 -13.96 -23.77 -23.83
C SER H 62 -12.59 -23.36 -23.32
N VAL H 63 -12.44 -23.13 -22.01
CA VAL H 63 -11.14 -22.75 -21.45
C VAL H 63 -10.68 -23.57 -20.23
N LYS H 64 -11.50 -24.50 -19.77
CA LYS H 64 -11.09 -25.33 -18.63
C LYS H 64 -9.83 -26.15 -18.96
N GLY H 65 -8.90 -26.18 -18.01
CA GLY H 65 -7.63 -26.86 -18.20
C GLY H 65 -6.54 -25.93 -18.73
N ARG H 66 -6.92 -24.97 -19.58
CA ARG H 66 -5.99 -24.04 -20.20
C ARG H 66 -5.86 -22.72 -19.44
N PHE H 67 -6.97 -22.22 -18.92
CA PHE H 67 -7.01 -20.94 -18.22
C PHE H 67 -7.19 -21.20 -16.74
N THR H 68 -6.52 -20.42 -15.91
CA THR H 68 -6.74 -20.50 -14.47
C THR H 68 -6.94 -19.12 -13.91
N ILE H 69 -7.99 -18.96 -13.12
CA ILE H 69 -8.26 -17.72 -12.42
C ILE H 69 -7.72 -17.84 -11.01
N SER H 70 -7.18 -16.74 -10.49
CA SER H 70 -6.55 -16.74 -9.19
C SER H 70 -6.59 -15.35 -8.58
N ARG H 71 -6.13 -15.27 -7.34
CA ARG H 71 -6.43 -14.16 -6.48
C ARG H 71 -5.22 -13.84 -5.58
N ASP H 72 -5.05 -12.57 -5.29
CA ASP H 72 -4.08 -12.13 -4.29
C ASP H 72 -4.66 -10.93 -3.53
N ASN H 73 -5.21 -11.21 -2.35
CA ASN H 73 -5.96 -10.22 -1.58
C ASN H 73 -5.08 -9.16 -0.94
N ALA H 74 -3.84 -9.51 -0.61
CA ALA H 74 -2.85 -8.53 -0.18
C ALA H 74 -2.63 -7.43 -1.24
N LYS H 75 -2.88 -7.76 -2.52
CA LYS H 75 -2.76 -6.79 -3.61
C LYS H 75 -4.10 -6.35 -4.21
N ASN H 76 -5.22 -6.88 -3.70
CA ASN H 76 -6.55 -6.55 -4.20
C ASN H 76 -6.66 -6.73 -5.72
N THR H 77 -5.96 -7.74 -6.25
CA THR H 77 -5.95 -8.01 -7.68
C THR H 77 -6.28 -9.48 -8.00
N VAL H 78 -6.85 -9.72 -9.19
CA VAL H 78 -7.09 -11.08 -9.69
C VAL H 78 -6.41 -11.35 -11.03
N TYR H 79 -6.02 -12.59 -11.23
CA TYR H 79 -5.22 -12.98 -12.40
C TYR H 79 -5.93 -14.03 -13.25
N LEU H 80 -5.75 -13.93 -14.56
CA LEU H 80 -6.17 -14.98 -15.47
C LEU H 80 -4.95 -15.47 -16.24
N GLN H 81 -4.41 -16.62 -15.83
CA GLN H 81 -3.30 -17.25 -16.53
C GLN H 81 -3.82 -17.99 -17.75
N MET H 82 -3.46 -17.52 -18.95
CA MET H 82 -3.94 -18.11 -20.19
C MET H 82 -2.86 -18.94 -20.87
N ASN H 83 -3.02 -20.26 -20.88
CA ASN H 83 -2.08 -21.16 -21.56
C ASN H 83 -2.70 -21.76 -22.83
N SER H 84 -1.85 -22.35 -23.66
CA SER H 84 -2.29 -23.00 -24.90
C SER H 84 -3.26 -22.12 -25.69
N LEU H 85 -2.89 -20.85 -25.87
CA LEU H 85 -3.78 -19.89 -26.54
C LEU H 85 -4.12 -20.33 -27.97
N LYS H 86 -5.35 -20.03 -28.37
CA LYS H 86 -5.86 -20.37 -29.69
C LYS H 86 -6.38 -19.09 -30.38
N PRO H 87 -6.48 -19.11 -31.71
CA PRO H 87 -7.07 -17.93 -32.35
C PRO H 87 -8.47 -17.60 -31.83
N GLU H 88 -9.21 -18.62 -31.39
CA GLU H 88 -10.56 -18.44 -30.82
C GLU H 88 -10.57 -17.50 -29.60
N ASP H 89 -9.44 -17.41 -28.91
CA ASP H 89 -9.33 -16.62 -27.67
C ASP H 89 -9.17 -15.13 -27.93
N THR H 90 -8.92 -14.75 -29.19
CA THR H 90 -8.78 -13.36 -29.58
C THR H 90 -10.04 -12.61 -29.22
N ALA H 91 -9.88 -11.53 -28.47
CA ALA H 91 -11.02 -10.77 -27.98
C ALA H 91 -10.53 -9.71 -27.01
N VAL H 92 -11.38 -8.75 -26.67
CA VAL H 92 -11.10 -7.84 -25.56
C VAL H 92 -11.53 -8.56 -24.27
N TYR H 93 -10.69 -8.56 -23.25
CA TYR H 93 -11.02 -9.22 -21.99
C TYR H 93 -11.30 -8.19 -20.92
N TYR H 94 -12.53 -8.18 -20.42
CA TYR H 94 -12.92 -7.24 -19.39
C TYR H 94 -12.90 -7.95 -18.05
N CYS H 95 -12.45 -7.26 -17.02
CA CYS H 95 -12.53 -7.78 -15.67
C CYS H 95 -13.66 -7.04 -14.95
N ASN H 96 -14.56 -7.80 -14.34
CA ASN H 96 -15.78 -7.26 -13.80
C ASN H 96 -15.99 -7.72 -12.35
N ALA H 97 -16.48 -6.82 -11.49
CA ALA H 97 -16.75 -7.18 -10.10
C ALA H 97 -18.22 -7.00 -9.78
N ASN H 98 -18.87 -8.07 -9.34
CA ASN H 98 -20.23 -8.04 -8.83
C ASN H 98 -20.22 -7.62 -7.36
N VAL H 99 -20.83 -6.48 -7.04
CA VAL H 99 -20.85 -5.99 -5.66
C VAL H 99 -22.25 -5.98 -5.05
N LYS H 100 -22.32 -6.16 -3.74
CA LYS H 100 -23.58 -6.01 -3.00
C LYS H 100 -23.78 -4.53 -2.68
N THR H 101 -25.00 -4.03 -2.80
CA THR H 101 -25.31 -2.63 -2.43
C THR H 101 -25.87 -2.59 -1.03
N TRP H 102 -26.02 -1.39 -0.48
CA TRP H 102 -26.61 -1.22 0.85
C TRP H 102 -28.07 -1.63 0.86
N ALA H 103 -28.72 -1.55 -0.29
CA ALA H 103 -30.12 -1.90 -0.42
C ALA H 103 -30.36 -3.40 -0.47
N GLY H 104 -29.31 -4.18 -0.71
CA GLY H 104 -29.45 -5.64 -0.79
C GLY H 104 -29.50 -6.22 -2.20
N MET H 105 -29.44 -5.36 -3.21
CA MET H 105 -29.35 -5.80 -4.59
C MET H 105 -27.88 -5.88 -4.96
N THR H 106 -27.56 -6.37 -6.15
CA THR H 106 -26.16 -6.38 -6.63
C THR H 106 -25.99 -5.55 -7.92
N ARG H 107 -24.74 -5.34 -8.30
CA ARG H 107 -24.34 -4.37 -9.32
C ARG H 107 -22.98 -4.73 -9.88
N ASP H 108 -22.78 -4.49 -11.17
CA ASP H 108 -21.51 -4.78 -11.84
C ASP H 108 -20.73 -3.51 -12.06
N TYR H 109 -19.44 -3.55 -11.71
CA TYR H 109 -18.49 -2.53 -12.19
C TYR H 109 -17.43 -3.31 -12.92
N TRP H 110 -16.99 -2.78 -14.06
CA TRP H 110 -16.01 -3.45 -14.88
C TRP H 110 -15.10 -2.45 -15.56
N GLY H 111 -13.96 -2.93 -16.04
CA GLY H 111 -12.94 -2.05 -16.62
C GLY H 111 -13.16 -1.83 -18.09
N GLN H 112 -12.23 -1.11 -18.72
CA GLN H 112 -12.28 -0.86 -20.16
C GLN H 112 -11.71 -2.01 -21.00
N GLY H 113 -11.09 -2.99 -20.35
CA GLY H 113 -10.63 -4.17 -21.04
C GLY H 113 -9.21 -4.09 -21.60
N THR H 114 -8.69 -5.27 -21.93
CA THR H 114 -7.35 -5.44 -22.47
C THR H 114 -7.45 -6.43 -23.62
N GLN H 115 -6.90 -6.05 -24.77
CA GLN H 115 -7.04 -6.81 -26.00
C GLN H 115 -6.01 -7.94 -26.02
N VAL H 116 -6.49 -9.13 -26.34
CA VAL H 116 -5.67 -10.30 -26.50
C VAL H 116 -5.83 -10.71 -27.95
N THR H 117 -4.70 -10.98 -28.62
CA THR H 117 -4.67 -11.35 -30.04
C THR H 117 -3.77 -12.57 -30.25
N VAL H 118 -4.30 -13.62 -30.87
CA VAL H 118 -3.58 -14.87 -31.05
C VAL H 118 -3.46 -15.30 -32.54
N SER H 119 -2.25 -15.20 -33.07
CA SER H 119 -1.98 -15.54 -34.47
C SER H 119 -1.80 -17.05 -34.65
N SER H 120 -1.93 -17.53 -35.89
CA SER H 120 -1.61 -18.95 -36.20
C SER H 120 -0.10 -19.17 -36.34
#